data_1FYH
#
_entry.id   1FYH
#
_cell.length_a   72.940
_cell.length_b   107.600
_cell.length_c   85.080
_cell.angle_alpha   90.00
_cell.angle_beta   97.94
_cell.angle_gamma   90.00
#
_symmetry.space_group_name_H-M   'P 1 21 1'
#
loop_
_entity.id
_entity.type
_entity.pdbx_description
1 polymer 'Interferon gamma'
2 polymer 'Interferon gamma receptor 1'
3 non-polymer 'CHLORIDE ION'
4 water water
#
loop_
_entity_poly.entity_id
_entity_poly.type
_entity_poly.pdbx_seq_one_letter_code
_entity_poly.pdbx_strand_id
1 'polypeptide(L)'
;MQDPYVKEAENLKKYFNAGHSDVADNGTLFLGILKNWKEESDRKIMQSQIVSFYFKLFKNFKDDQSIQKSVETIKEDMNV
KFFNSNKKKRDDFEKLTNYSVTDLNVQRKAIDELIQVMAELGANVSGEFVKEAENLKKYFNAGHSDVADNGTLFLGILKN
WKEESDRKIMQSQIVSFYFKLFKNFKDDQSIQKSVETIKEDMNVKFFNSNKKKRDDFEKLTNYSVTDLNVQRKAIHELIQ
VMAELSPAAKTGKRKRSQ
;
A,D
2 'polypeptide(L)'
;EMGTADLGPSSVPTPTNVTIESYNMNPIVYWEYQIMPQVPVFTVEVKNYGVKNSEWIDACINISHHYCNISDHVGDPSNS
LWVRVKARVGQKESAYAKSEEFAVCRDGKIGPPKLDIRKEEKQIMIDIFHPSVFVNGDEQEVDYDPETTCYIRVYNVYVR
MNGSEIQYKILTQKEDDCDEIQCQLAIPVSSLNSQYCVSAEGVLHVWGVTTEKSKEVCITIFNSSIKGS
;
B,E
#
# COMPACT_ATOMS: atom_id res chain seq x y z
N MET A 1 -1.06 26.44 3.47
CA MET A 1 0.03 25.83 4.24
C MET A 1 0.97 25.03 3.35
N GLN A 2 2.20 25.50 3.29
CA GLN A 2 3.21 24.91 2.43
C GLN A 2 4.12 23.83 2.99
N ASP A 3 4.28 22.79 2.18
CA ASP A 3 5.14 21.66 2.50
C ASP A 3 6.61 22.21 2.63
N PRO A 4 7.32 21.87 3.73
CA PRO A 4 8.71 22.33 3.94
C PRO A 4 9.73 22.08 2.79
N TYR A 5 9.59 21.02 2.02
CA TYR A 5 10.53 20.80 0.93
C TYR A 5 10.48 21.89 -0.18
N VAL A 6 9.35 22.60 -0.29
CA VAL A 6 9.19 23.60 -1.33
C VAL A 6 10.22 24.72 -1.25
N LYS A 7 10.39 25.30 -0.08
CA LYS A 7 11.36 26.37 0.07
C LYS A 7 12.80 25.88 -0.30
N GLU A 8 13.14 24.64 0.05
CA GLU A 8 14.44 24.12 -0.30
C GLU A 8 14.55 23.91 -1.80
N ALA A 9 13.47 23.50 -2.48
CA ALA A 9 13.58 23.34 -3.93
C ALA A 9 13.72 24.69 -4.59
N GLU A 10 13.12 25.75 -4.03
CA GLU A 10 13.27 27.09 -4.59
C GLU A 10 14.73 27.54 -4.38
N ASN A 11 15.38 27.09 -3.30
CA ASN A 11 16.80 27.43 -3.07
C ASN A 11 17.64 26.73 -4.16
N LEU A 12 17.33 25.48 -4.50
CA LEU A 12 18.11 24.84 -5.54
C LEU A 12 17.90 25.52 -6.89
N LYS A 13 16.70 26.03 -7.15
CA LYS A 13 16.40 26.70 -8.41
C LYS A 13 17.30 27.91 -8.59
N LYS A 14 17.45 28.69 -7.52
CA LYS A 14 18.31 29.88 -7.55
C LYS A 14 19.77 29.47 -7.84
N TYR A 15 20.25 28.47 -7.10
CA TYR A 15 21.59 27.96 -7.28
C TYR A 15 21.89 27.57 -8.71
N PHE A 16 20.96 26.86 -9.36
CA PHE A 16 21.20 26.42 -10.74
C PHE A 16 20.73 27.41 -11.79
N ASN A 17 20.22 28.56 -11.38
CA ASN A 17 19.66 29.56 -12.31
C ASN A 17 18.53 28.95 -13.14
N ALA A 18 17.71 28.09 -12.52
CA ALA A 18 16.64 27.39 -13.23
C ALA A 18 15.33 28.15 -13.26
N GLY A 19 15.41 29.42 -12.88
CA GLY A 19 14.29 30.35 -12.93
C GLY A 19 14.47 31.28 -14.15
N HIS A 20 15.51 31.07 -14.97
CA HIS A 20 15.80 31.84 -16.18
C HIS A 20 15.02 31.29 -17.37
N SER A 21 14.52 32.16 -18.25
CA SER A 21 13.70 31.75 -19.40
C SER A 21 14.37 30.81 -20.38
N ASP A 22 15.69 30.74 -20.35
CA ASP A 22 16.39 29.83 -21.24
C ASP A 22 16.07 28.40 -20.88
N VAL A 23 15.72 28.17 -19.62
CA VAL A 23 15.37 26.81 -19.19
C VAL A 23 14.11 26.24 -19.92
N ALA A 24 13.24 27.12 -20.44
CA ALA A 24 12.01 26.74 -21.17
C ALA A 24 12.24 26.02 -22.48
N ASP A 25 13.32 26.40 -23.18
CA ASP A 25 13.69 25.83 -24.47
C ASP A 25 13.69 24.31 -24.58
N ASN A 26 13.03 23.79 -25.61
CA ASN A 26 13.02 22.36 -25.89
C ASN A 26 12.16 21.34 -25.07
N GLY A 27 10.87 21.62 -24.88
CA GLY A 27 9.97 20.70 -24.19
C GLY A 27 10.19 20.42 -22.72
N THR A 28 9.73 19.27 -22.25
CA THR A 28 9.90 18.89 -20.85
C THR A 28 10.66 17.57 -20.70
N LEU A 29 11.30 17.35 -19.54
CA LEU A 29 11.99 16.08 -19.28
C LEU A 29 11.03 15.04 -18.71
N PHE A 30 10.39 15.42 -17.61
CA PHE A 30 9.54 14.56 -16.83
C PHE A 30 8.04 14.81 -16.78
N LEU A 31 7.62 16.07 -16.73
CA LEU A 31 6.22 16.41 -16.54
C LEU A 31 5.20 15.90 -17.51
N GLY A 32 5.49 16.01 -18.80
CA GLY A 32 4.56 15.55 -19.80
C GLY A 32 4.40 14.06 -19.74
N ILE A 33 5.52 13.33 -19.61
CA ILE A 33 5.47 11.86 -19.54
C ILE A 33 4.59 11.43 -18.38
N LEU A 34 4.80 11.97 -17.20
CA LEU A 34 3.97 11.63 -16.05
C LEU A 34 2.48 11.92 -16.26
N LYS A 35 2.16 12.92 -17.09
CA LYS A 35 0.77 13.33 -17.41
C LYS A 35 0.02 12.19 -18.12
N ASN A 36 0.76 11.54 -19.02
CA ASN A 36 0.28 10.41 -19.83
C ASN A 36 -0.18 9.17 -19.04
N TRP A 37 0.42 8.92 -17.88
CA TRP A 37 0.12 7.72 -17.11
C TRP A 37 -0.67 7.88 -15.86
N LYS A 38 -1.87 7.30 -15.84
CA LYS A 38 -2.72 7.49 -14.67
C LYS A 38 -2.83 6.21 -13.87
N GLU A 39 -2.77 4.99 -14.38
CA GLU A 39 -2.94 3.82 -13.47
C GLU A 39 -1.71 3.71 -12.57
N GLU A 40 -1.88 3.34 -11.31
CA GLU A 40 -0.71 3.28 -10.46
C GLU A 40 0.48 2.41 -10.86
N SER A 41 0.31 1.31 -11.59
CA SER A 41 1.49 0.49 -11.93
C SER A 41 2.31 1.13 -13.03
N ASP A 42 1.63 1.84 -13.92
CA ASP A 42 2.33 2.54 -14.99
C ASP A 42 3.06 3.77 -14.46
N ARG A 43 2.48 4.43 -13.46
CA ARG A 43 3.11 5.59 -12.86
C ARG A 43 4.37 5.18 -12.13
N LYS A 44 4.34 4.06 -11.42
CA LYS A 44 5.51 3.58 -10.66
C LYS A 44 6.71 3.16 -11.52
N ILE A 45 6.50 2.61 -12.70
CA ILE A 45 7.67 2.31 -13.54
C ILE A 45 8.35 3.59 -14.06
N MET A 46 7.57 4.63 -14.39
CA MET A 46 8.10 5.92 -14.85
C MET A 46 8.73 6.66 -13.65
N GLN A 47 8.02 6.75 -12.55
CA GLN A 47 8.54 7.45 -11.39
C GLN A 47 9.82 6.84 -10.91
N SER A 48 9.94 5.52 -11.05
CA SER A 48 11.17 4.85 -10.60
C SER A 48 12.42 5.35 -11.37
N GLN A 49 12.28 5.61 -12.67
CA GLN A 49 13.41 6.14 -13.47
C GLN A 49 13.67 7.62 -13.13
N ILE A 50 12.60 8.35 -12.83
CA ILE A 50 12.72 9.77 -12.50
C ILE A 50 13.46 9.92 -11.17
N VAL A 51 13.07 9.14 -10.18
CA VAL A 51 13.73 9.18 -8.86
C VAL A 51 15.21 8.79 -8.94
N SER A 52 15.59 7.75 -9.69
CA SER A 52 17.02 7.43 -9.77
C SER A 52 17.81 8.54 -10.50
N PHE A 53 17.18 9.21 -11.49
CA PHE A 53 17.85 10.32 -12.13
C PHE A 53 18.12 11.48 -11.18
N TYR A 54 17.16 11.79 -10.29
CA TYR A 54 17.40 12.84 -9.29
C TYR A 54 18.44 12.40 -8.29
N PHE A 55 18.46 11.12 -7.90
CA PHE A 55 19.46 10.63 -6.94
C PHE A 55 20.86 10.69 -7.55
N LYS A 56 21.04 10.40 -8.83
CA LYS A 56 22.39 10.53 -9.43
C LYS A 56 22.83 12.00 -9.49
N LEU A 57 21.91 12.90 -9.84
CA LEU A 57 22.17 14.35 -9.87
C LEU A 57 22.57 14.89 -8.48
N PHE A 58 21.80 14.61 -7.45
CA PHE A 58 22.12 15.07 -6.10
C PHE A 58 23.48 14.54 -5.57
N LYS A 59 23.93 13.38 -6.06
CA LYS A 59 25.18 12.81 -5.60
C LYS A 59 26.30 13.68 -6.11
N ASN A 60 26.13 14.24 -7.31
CA ASN A 60 27.15 15.16 -7.79
C ASN A 60 27.18 16.52 -7.02
N PHE A 61 26.19 16.87 -6.21
CA PHE A 61 26.20 18.19 -5.52
C PHE A 61 25.89 18.23 -4.00
N LYS A 62 25.79 17.07 -3.34
CA LYS A 62 25.41 16.84 -1.95
C LYS A 62 26.11 17.81 -1.00
N ASP A 63 27.39 18.07 -1.20
CA ASP A 63 28.28 18.92 -0.36
C ASP A 63 28.38 20.43 -0.73
N ASP A 64 27.92 20.83 -1.93
CA ASP A 64 28.01 22.24 -2.33
C ASP A 64 27.46 23.12 -1.24
N GLN A 65 28.35 23.98 -0.81
CA GLN A 65 28.11 24.87 0.27
C GLN A 65 26.68 25.30 0.61
N SER A 66 26.16 26.28 -0.13
CA SER A 66 24.85 26.76 0.25
C SER A 66 23.65 25.86 -0.04
N ILE A 67 23.87 24.65 -0.54
CA ILE A 67 22.73 23.78 -0.82
C ILE A 67 22.77 22.41 -0.15
N GLN A 68 23.74 22.17 0.75
CA GLN A 68 23.83 20.87 1.41
C GLN A 68 22.57 20.57 2.21
N LYS A 69 22.06 21.52 2.98
CA LYS A 69 20.85 21.34 3.75
C LYS A 69 19.62 21.11 2.86
N SER A 70 19.53 21.87 1.78
CA SER A 70 18.41 21.74 0.89
C SER A 70 18.31 20.36 0.26
N VAL A 71 19.43 19.86 -0.25
CA VAL A 71 19.51 18.53 -0.88
C VAL A 71 19.11 17.41 0.14
N GLU A 72 19.59 17.56 1.37
CA GLU A 72 19.30 16.60 2.43
C GLU A 72 17.82 16.58 2.70
N THR A 73 17.20 17.76 2.80
CA THR A 73 15.76 17.86 3.05
C THR A 73 14.90 17.26 1.94
N ILE A 74 15.29 17.51 0.68
CA ILE A 74 14.55 17.01 -0.46
C ILE A 74 14.68 15.49 -0.58
N LYS A 75 15.88 14.93 -0.36
CA LYS A 75 16.05 13.49 -0.45
C LYS A 75 15.22 12.84 0.64
N GLU A 76 15.12 13.46 1.80
CA GLU A 76 14.36 12.83 2.83
C GLU A 76 12.85 12.90 2.54
N ASP A 77 12.39 13.96 1.91
CA ASP A 77 10.97 14.04 1.53
C ASP A 77 10.63 13.03 0.40
N MET A 78 11.57 12.74 -0.49
CA MET A 78 11.38 11.75 -1.57
C MET A 78 11.26 10.38 -0.92
N ASN A 79 12.06 10.16 0.12
CA ASN A 79 12.03 8.95 0.89
C ASN A 79 10.67 8.71 1.48
N VAL A 80 10.13 9.73 2.12
CA VAL A 80 8.80 9.64 2.71
C VAL A 80 7.75 9.36 1.59
N LYS A 81 7.69 10.23 0.58
CA LYS A 81 6.70 10.10 -0.49
C LYS A 81 6.78 8.85 -1.41
N PHE A 82 7.98 8.50 -1.87
CA PHE A 82 8.15 7.38 -2.80
C PHE A 82 8.49 6.03 -2.15
N PHE A 83 9.24 6.02 -1.05
CA PHE A 83 9.59 4.77 -0.38
C PHE A 83 8.86 4.52 0.93
N ASN A 84 7.96 5.42 1.30
CA ASN A 84 7.17 5.32 2.53
C ASN A 84 8.03 5.17 3.76
N SER A 85 9.20 5.81 3.72
CA SER A 85 10.21 5.80 4.79
C SER A 85 10.73 4.41 5.14
N ASN A 86 10.66 3.50 4.17
CA ASN A 86 11.10 2.11 4.32
C ASN A 86 12.56 2.02 3.95
N LYS A 87 13.45 1.88 4.95
CA LYS A 87 14.90 1.85 4.69
C LYS A 87 15.35 0.64 3.85
N LYS A 88 14.77 -0.52 4.06
CA LYS A 88 15.13 -1.67 3.26
C LYS A 88 14.70 -1.49 1.79
N LYS A 89 13.54 -0.87 1.53
CA LYS A 89 13.06 -0.62 0.16
C LYS A 89 13.99 0.35 -0.57
N ARG A 90 14.40 1.39 0.12
CA ARG A 90 15.33 2.40 -0.38
C ARG A 90 16.69 1.74 -0.66
N ASP A 91 17.17 0.89 0.25
CA ASP A 91 18.45 0.19 0.08
C ASP A 91 18.47 -0.81 -1.09
N ASP A 92 17.37 -1.54 -1.32
CA ASP A 92 17.32 -2.47 -2.43
C ASP A 92 17.33 -1.67 -3.73
N PHE A 93 16.62 -0.54 -3.74
CA PHE A 93 16.58 0.30 -4.93
C PHE A 93 17.98 0.86 -5.24
N GLU A 94 18.71 1.37 -4.26
CA GLU A 94 20.06 1.89 -4.50
C GLU A 94 20.98 0.81 -5.03
N LYS A 95 20.94 -0.42 -4.50
CA LYS A 95 21.76 -1.56 -4.93
C LYS A 95 21.57 -1.76 -6.42
N LEU A 96 20.31 -1.86 -6.83
CA LEU A 96 19.96 -2.04 -8.24
C LEU A 96 20.39 -0.89 -9.14
N THR A 97 20.28 0.35 -8.68
CA THR A 97 20.69 1.45 -9.55
C THR A 97 22.21 1.54 -9.77
N ASN A 98 22.97 0.96 -8.85
CA ASN A 98 24.42 0.99 -8.89
C ASN A 98 25.16 -0.16 -9.53
N TYR A 99 24.46 -1.11 -10.18
CA TYR A 99 25.17 -2.24 -10.81
C TYR A 99 25.79 -1.78 -12.11
N SER A 100 27.05 -2.17 -12.30
CA SER A 100 27.81 -1.81 -13.51
C SER A 100 27.59 -2.80 -14.64
N VAL A 101 27.03 -2.32 -15.74
CA VAL A 101 26.78 -3.20 -16.86
C VAL A 101 28.04 -3.52 -17.67
N THR A 102 29.22 -3.09 -17.22
CA THR A 102 30.44 -3.42 -17.95
C THR A 102 31.33 -4.39 -17.16
N ASP A 103 30.96 -4.69 -15.91
CA ASP A 103 31.73 -5.64 -15.10
C ASP A 103 31.31 -7.02 -15.55
N LEU A 104 32.25 -7.77 -16.12
CA LEU A 104 31.97 -9.11 -16.65
C LEU A 104 31.28 -10.09 -15.70
N ASN A 105 31.59 -10.03 -14.41
CA ASN A 105 30.94 -10.93 -13.46
C ASN A 105 29.49 -10.51 -13.25
N VAL A 106 29.25 -9.20 -13.29
CA VAL A 106 27.88 -8.68 -13.14
C VAL A 106 27.09 -9.15 -14.36
N GLN A 107 27.66 -9.09 -15.56
CA GLN A 107 26.97 -9.52 -16.79
C GLN A 107 26.67 -11.01 -16.87
N ARG A 108 27.56 -11.76 -16.24
CA ARG A 108 27.34 -13.20 -16.15
C ARG A 108 26.19 -13.55 -15.24
N LYS A 109 26.27 -13.04 -14.00
CA LYS A 109 25.17 -13.22 -13.07
C LYS A 109 23.83 -12.79 -13.72
N ALA A 110 23.81 -11.66 -14.42
CA ALA A 110 22.57 -11.16 -15.03
C ALA A 110 22.06 -12.11 -16.10
N ILE A 111 22.95 -12.69 -16.87
CA ILE A 111 22.52 -13.58 -17.94
C ILE A 111 22.11 -14.91 -17.29
N ASP A 112 22.73 -15.26 -16.18
CA ASP A 112 22.36 -16.49 -15.47
C ASP A 112 20.89 -16.42 -14.97
N GLU A 113 20.50 -15.30 -14.37
CA GLU A 113 19.16 -15.13 -13.79
C GLU A 113 18.02 -14.76 -14.74
N LEU A 114 18.33 -14.51 -16.00
CA LEU A 114 17.34 -14.04 -16.96
C LEU A 114 16.00 -14.75 -17.11
N ILE A 115 16.05 -16.08 -17.14
CA ILE A 115 14.82 -16.86 -17.28
C ILE A 115 13.91 -16.66 -16.04
N GLN A 116 14.52 -16.80 -14.86
CA GLN A 116 13.82 -16.63 -13.58
C GLN A 116 13.26 -15.19 -13.49
N VAL A 117 14.00 -14.20 -13.97
CA VAL A 117 13.55 -12.82 -13.95
C VAL A 117 12.26 -12.67 -14.73
N MET A 118 12.18 -13.26 -15.92
CA MET A 118 10.95 -13.14 -16.72
C MET A 118 9.80 -13.77 -15.99
N ALA A 119 10.11 -14.80 -15.23
CA ALA A 119 9.09 -15.48 -14.48
C ALA A 119 8.52 -14.45 -13.49
N GLU A 120 9.43 -13.81 -12.75
CA GLU A 120 9.09 -12.79 -11.77
C GLU A 120 8.33 -11.60 -12.37
N LEU A 121 8.41 -11.41 -13.68
CA LEU A 121 7.73 -10.28 -14.34
C LEU A 121 6.34 -10.72 -14.77
N GLY A 122 6.06 -11.99 -14.53
CA GLY A 122 4.78 -12.55 -14.91
C GLY A 122 4.73 -13.09 -16.33
N ALA A 123 5.89 -13.38 -16.93
CA ALA A 123 5.88 -13.88 -18.30
C ALA A 123 5.92 -15.39 -18.40
N ASN A 124 5.25 -15.94 -19.40
CA ASN A 124 5.31 -17.40 -19.66
C ASN A 124 6.15 -17.50 -20.94
N VAL A 125 7.45 -17.77 -20.76
CA VAL A 125 8.39 -17.84 -21.87
C VAL A 125 8.18 -19.00 -22.85
N SER A 126 8.44 -18.72 -24.13
CA SER A 126 8.33 -19.63 -25.29
C SER A 126 9.53 -20.61 -25.30
N GLY A 127 9.44 -21.68 -26.10
CA GLY A 127 10.57 -22.61 -26.19
C GLY A 127 11.73 -21.87 -26.85
N GLU A 128 11.37 -21.01 -27.80
CA GLU A 128 12.37 -20.18 -28.49
C GLU A 128 13.13 -19.31 -27.46
N PHE A 129 12.41 -18.52 -26.67
CA PHE A 129 13.06 -17.68 -25.70
C PHE A 129 14.13 -18.43 -24.92
N VAL A 130 13.78 -19.63 -24.45
CA VAL A 130 14.70 -20.47 -23.66
C VAL A 130 15.98 -20.86 -24.38
N LYS A 131 15.91 -21.12 -25.69
CA LYS A 131 17.14 -21.47 -26.37
C LYS A 131 18.04 -20.26 -26.57
N GLU A 132 17.47 -19.15 -27.03
CA GLU A 132 18.30 -17.97 -27.20
C GLU A 132 19.03 -17.59 -25.87
N ALA A 133 18.35 -17.79 -24.74
CA ALA A 133 18.99 -17.49 -23.48
C ALA A 133 20.15 -18.45 -23.14
N GLU A 134 20.14 -19.69 -23.65
CA GLU A 134 21.26 -20.58 -23.37
C GLU A 134 22.47 -20.23 -24.23
N ASN A 135 22.22 -19.63 -25.39
CA ASN A 135 23.31 -19.12 -26.24
C ASN A 135 24.10 -18.15 -25.34
N LEU A 136 23.42 -17.09 -24.86
CA LEU A 136 24.04 -16.09 -24.00
C LEU A 136 24.70 -16.66 -22.76
N LYS A 137 24.13 -17.68 -22.12
CA LYS A 137 24.77 -18.24 -20.94
C LYS A 137 26.10 -18.89 -21.31
N LYS A 138 26.23 -19.38 -22.57
CA LYS A 138 27.44 -19.99 -23.10
C LYS A 138 28.50 -18.93 -23.36
N TYR A 139 28.14 -17.97 -24.22
CA TYR A 139 29.01 -16.84 -24.53
C TYR A 139 29.64 -16.26 -23.25
N PHE A 140 28.84 -15.74 -22.33
CA PHE A 140 29.35 -15.15 -21.08
C PHE A 140 29.98 -16.11 -20.08
N ASN A 141 29.58 -17.38 -20.15
CA ASN A 141 30.08 -18.41 -19.25
C ASN A 141 29.46 -18.22 -17.87
N ASP A 149 28.82 -18.08 -6.97
CA ASP A 149 28.58 -17.26 -5.78
C ASP A 149 27.26 -17.64 -5.12
N ASN A 150 27.16 -17.41 -3.81
CA ASN A 150 25.94 -17.63 -3.06
C ASN A 150 25.17 -16.34 -2.89
N GLY A 151 25.22 -15.51 -3.96
CA GLY A 151 24.54 -14.22 -3.98
C GLY A 151 23.99 -13.97 -5.38
N THR A 152 22.76 -13.46 -5.45
CA THR A 152 22.15 -13.18 -6.75
C THR A 152 22.19 -11.69 -6.99
N LEU A 153 21.88 -11.30 -8.22
CA LEU A 153 21.88 -9.91 -8.60
C LEU A 153 20.48 -9.33 -8.33
N PHE A 154 19.50 -10.01 -8.91
CA PHE A 154 18.12 -9.63 -8.89
C PHE A 154 17.12 -10.53 -8.17
N LEU A 155 17.33 -11.84 -8.13
CA LEU A 155 16.31 -12.69 -7.54
C LEU A 155 16.02 -12.53 -6.06
N GLY A 156 17.03 -12.28 -5.26
CA GLY A 156 16.77 -12.07 -3.85
C GLY A 156 16.02 -10.77 -3.57
N ILE A 157 16.31 -9.71 -4.31
CA ILE A 157 15.61 -8.44 -4.09
C ILE A 157 14.15 -8.64 -4.47
N LEU A 158 13.88 -9.30 -5.59
CA LEU A 158 12.52 -9.52 -6.03
C LEU A 158 11.73 -10.41 -5.09
N LYS A 159 12.41 -11.25 -4.29
CA LYS A 159 11.71 -12.09 -3.34
C LYS A 159 11.32 -11.30 -2.10
N ASN A 160 11.94 -10.15 -1.85
CA ASN A 160 11.68 -9.30 -0.69
C ASN A 160 10.38 -8.49 -0.68
N TRP A 161 9.82 -8.26 -1.87
CA TRP A 161 8.64 -7.41 -2.04
C TRP A 161 7.47 -8.11 -2.70
N LYS A 162 6.31 -8.12 -2.02
CA LYS A 162 5.14 -8.76 -2.59
C LYS A 162 4.07 -7.81 -3.11
N GLU A 163 3.93 -6.59 -2.57
CA GLU A 163 2.91 -5.70 -3.09
C GLU A 163 3.26 -5.22 -4.49
N GLU A 164 2.28 -5.12 -5.36
CA GLU A 164 2.58 -4.79 -6.73
C GLU A 164 3.28 -3.46 -6.99
N SER A 165 2.98 -2.41 -6.24
CA SER A 165 3.69 -1.15 -6.48
C SER A 165 5.16 -1.23 -6.09
N ASP A 166 5.48 -1.94 -5.00
CA ASP A 166 6.88 -2.13 -4.61
C ASP A 166 7.58 -2.96 -5.71
N ARG A 167 6.89 -3.96 -6.27
CA ARG A 167 7.50 -4.78 -7.31
C ARG A 167 7.82 -3.96 -8.58
N LYS A 168 6.90 -3.10 -8.97
CA LYS A 168 7.09 -2.29 -10.17
C LYS A 168 8.27 -1.32 -10.02
N ILE A 169 8.49 -0.82 -8.81
CA ILE A 169 9.60 0.09 -8.56
C ILE A 169 10.91 -0.63 -8.83
N MET A 170 11.03 -1.88 -8.36
CA MET A 170 12.27 -2.66 -8.57
C MET A 170 12.37 -3.22 -10.00
N GLN A 171 11.28 -3.73 -10.55
CA GLN A 171 11.30 -4.25 -11.88
C GLN A 171 11.68 -3.20 -12.87
N SER A 172 11.36 -1.92 -12.63
CA SER A 172 11.72 -0.84 -13.57
C SER A 172 13.24 -0.73 -13.69
N GLN A 173 13.93 -0.80 -12.53
CA GLN A 173 15.39 -0.75 -12.52
C GLN A 173 16.08 -2.04 -13.11
N ILE A 174 15.44 -3.21 -13.02
CA ILE A 174 15.99 -4.44 -13.62
C ILE A 174 15.87 -4.45 -15.18
N VAL A 175 14.73 -4.03 -15.69
CA VAL A 175 14.44 -3.94 -17.11
C VAL A 175 15.34 -2.88 -17.79
N SER A 176 15.56 -1.77 -17.12
CA SER A 176 16.42 -0.76 -17.69
C SER A 176 17.90 -1.25 -17.65
N PHE A 177 18.32 -2.04 -16.67
CA PHE A 177 19.69 -2.58 -16.67
C PHE A 177 19.90 -3.54 -17.85
N TYR A 178 18.93 -4.42 -18.09
CA TYR A 178 19.00 -5.34 -19.21
C TYR A 178 19.02 -4.61 -20.54
N PHE A 179 18.13 -3.63 -20.73
CA PHE A 179 18.05 -2.88 -21.99
C PHE A 179 19.37 -2.17 -22.33
N LYS A 180 20.15 -1.86 -21.30
CA LYS A 180 21.44 -1.21 -21.43
C LYS A 180 22.49 -2.28 -21.79
N LEU A 181 22.41 -3.44 -21.12
CA LEU A 181 23.33 -4.58 -21.37
C LEU A 181 23.13 -5.04 -22.81
N PHE A 182 21.88 -5.10 -23.28
CA PHE A 182 21.59 -5.50 -24.65
C PHE A 182 22.11 -4.50 -25.68
N LYS A 183 22.01 -3.19 -25.39
CA LYS A 183 22.47 -2.12 -26.26
C LYS A 183 23.95 -2.26 -26.56
N ASN A 184 24.72 -2.52 -25.52
CA ASN A 184 26.17 -2.71 -25.57
C ASN A 184 26.61 -4.02 -26.24
N PHE A 185 25.67 -4.86 -26.66
CA PHE A 185 25.99 -6.13 -27.31
C PHE A 185 25.09 -6.34 -28.50
N LYS A 186 24.28 -5.36 -28.83
CA LYS A 186 23.30 -5.40 -29.91
C LYS A 186 23.92 -5.96 -31.19
N ASP A 187 25.09 -5.49 -31.58
CA ASP A 187 25.68 -5.97 -32.81
C ASP A 187 27.01 -6.70 -32.59
N ASP A 188 26.88 -7.83 -31.91
CA ASP A 188 27.98 -8.71 -31.59
C ASP A 188 27.64 -9.99 -32.33
N GLN A 189 28.47 -10.40 -33.28
CA GLN A 189 28.43 -11.49 -34.24
C GLN A 189 27.70 -12.70 -33.66
N SER A 190 28.36 -13.49 -32.81
CA SER A 190 27.83 -14.74 -32.23
C SER A 190 26.40 -14.61 -31.69
N ILE A 191 26.30 -13.83 -30.63
CA ILE A 191 25.06 -13.60 -29.90
C ILE A 191 24.16 -12.45 -30.38
N GLN A 192 24.24 -12.04 -31.63
CA GLN A 192 23.45 -10.90 -32.07
C GLN A 192 21.99 -11.29 -32.25
N LYS A 193 21.66 -12.52 -32.60
CA LYS A 193 20.25 -12.86 -32.78
C LYS A 193 19.61 -13.23 -31.45
N SER A 194 20.41 -13.72 -30.52
CA SER A 194 19.87 -14.07 -29.20
C SER A 194 19.34 -12.73 -28.69
N VAL A 195 20.29 -11.84 -28.33
CA VAL A 195 20.03 -10.49 -27.83
C VAL A 195 18.76 -9.91 -28.42
N GLU A 196 18.58 -9.95 -29.73
CA GLU A 196 17.41 -9.37 -30.36
C GLU A 196 16.13 -10.12 -29.95
N THR A 197 16.21 -11.42 -29.83
CA THR A 197 15.01 -12.21 -29.51
C THR A 197 14.48 -11.96 -28.10
N ILE A 198 15.37 -12.04 -27.12
CA ILE A 198 15.02 -11.81 -25.74
C ILE A 198 14.47 -10.38 -25.58
N LYS A 199 15.30 -9.44 -26.02
CA LYS A 199 15.00 -8.02 -26.00
C LYS A 199 13.53 -7.75 -26.37
N GLU A 200 13.00 -8.36 -27.43
CA GLU A 200 11.61 -8.07 -27.77
C GLU A 200 10.52 -8.72 -26.94
N ASP A 201 10.76 -9.92 -26.38
CA ASP A 201 9.69 -10.52 -25.53
C ASP A 201 9.68 -9.78 -24.16
N MET A 202 10.85 -9.30 -23.73
CA MET A 202 10.90 -8.53 -22.50
C MET A 202 10.03 -7.27 -22.74
N ASN A 203 10.20 -6.58 -23.88
CA ASN A 203 9.42 -5.36 -24.17
C ASN A 203 7.93 -5.64 -24.21
N VAL A 204 7.56 -6.73 -24.88
CA VAL A 204 6.15 -7.10 -25.01
C VAL A 204 5.39 -7.27 -23.70
N LYS A 205 6.06 -7.93 -22.75
CA LYS A 205 5.52 -8.25 -21.45
C LYS A 205 5.51 -7.06 -20.47
N PHE A 206 6.66 -6.41 -20.31
CA PHE A 206 6.73 -5.31 -19.39
C PHE A 206 5.84 -4.15 -19.79
N PHE A 207 5.86 -3.79 -21.06
CA PHE A 207 5.02 -2.68 -21.50
C PHE A 207 3.62 -3.08 -21.91
N ASN A 208 3.30 -4.38 -21.78
CA ASN A 208 1.96 -4.92 -22.09
C ASN A 208 1.44 -4.54 -23.49
N SER A 209 2.35 -4.60 -24.45
CA SER A 209 2.04 -4.25 -25.84
C SER A 209 1.48 -2.83 -25.99
N ASN A 210 2.19 -1.86 -25.42
CA ASN A 210 1.79 -0.47 -25.55
C ASN A 210 3.05 0.24 -26.00
N LYS A 211 3.01 0.69 -27.26
CA LYS A 211 4.15 1.34 -27.89
C LYS A 211 4.40 2.71 -27.27
N LYS A 212 3.33 3.33 -26.85
CA LYS A 212 3.40 4.64 -26.22
C LYS A 212 4.15 4.54 -24.88
N LYS A 213 3.83 3.52 -24.10
CA LYS A 213 4.45 3.29 -22.81
C LYS A 213 5.91 2.95 -23.02
N ARG A 214 6.18 2.16 -24.03
CA ARG A 214 7.55 1.74 -24.36
C ARG A 214 8.44 2.92 -24.71
N ASP A 215 7.88 3.82 -25.52
CA ASP A 215 8.61 4.99 -25.99
C ASP A 215 8.88 5.98 -24.87
N ASP A 216 7.89 6.21 -24.00
CA ASP A 216 8.06 7.11 -22.85
C ASP A 216 9.22 6.57 -22.02
N PHE A 217 9.21 5.27 -21.77
CA PHE A 217 10.25 4.65 -21.02
C PHE A 217 11.63 4.81 -21.64
N GLU A 218 11.78 4.70 -22.96
CA GLU A 218 13.13 4.85 -23.52
C GLU A 218 13.59 6.30 -23.48
N LYS A 219 12.66 7.24 -23.58
CA LYS A 219 12.98 8.66 -23.49
C LYS A 219 13.66 8.92 -22.14
N LEU A 220 12.97 8.50 -21.07
CA LEU A 220 13.40 8.64 -19.67
C LEU A 220 14.74 8.03 -19.41
N THR A 221 14.94 6.91 -20.05
CA THR A 221 16.13 6.11 -19.88
C THR A 221 17.29 6.70 -20.67
N ASN A 222 17.08 7.54 -21.66
CA ASN A 222 18.21 8.08 -22.44
C ASN A 222 18.54 9.57 -22.29
N TYR A 223 18.36 10.13 -21.09
CA TYR A 223 18.70 11.54 -20.85
C TYR A 223 20.04 11.42 -20.15
N SER A 224 20.98 12.34 -20.41
CA SER A 224 22.26 12.32 -19.67
C SER A 224 22.14 13.40 -18.60
N VAL A 225 22.33 13.01 -17.34
CA VAL A 225 22.24 13.97 -16.25
C VAL A 225 23.50 14.81 -16.16
N THR A 226 24.40 14.54 -17.13
CA THR A 226 25.67 15.26 -17.25
C THR A 226 25.53 16.62 -17.97
N ASP A 227 24.77 16.73 -19.09
CA ASP A 227 24.59 17.97 -19.78
C ASP A 227 23.97 19.02 -18.88
N LEU A 228 24.54 20.22 -18.83
CA LEU A 228 24.09 21.29 -17.93
C LEU A 228 22.64 21.68 -18.18
N ASN A 229 22.21 21.68 -19.42
CA ASN A 229 20.84 22.09 -19.74
C ASN A 229 19.79 21.11 -19.25
N VAL A 230 20.10 19.81 -19.29
CA VAL A 230 19.22 18.75 -18.80
C VAL A 230 19.11 18.86 -17.27
N GLN A 231 20.23 19.12 -16.64
CA GLN A 231 20.31 19.23 -15.21
C GLN A 231 19.50 20.46 -14.73
N ARG A 232 19.55 21.54 -15.50
CA ARG A 232 18.79 22.76 -15.17
C ARG A 232 17.27 22.48 -15.31
N LYS A 233 16.85 21.82 -16.38
CA LYS A 233 15.45 21.48 -16.56
C LYS A 233 14.98 20.55 -15.41
N ALA A 234 15.80 19.57 -15.03
CA ALA A 234 15.44 18.66 -13.96
C ALA A 234 15.20 19.42 -12.69
N ILE A 235 16.07 20.39 -12.40
CA ILE A 235 15.88 21.20 -11.19
C ILE A 235 14.62 22.09 -11.34
N HIS A 236 14.37 22.65 -12.51
CA HIS A 236 13.17 23.46 -12.67
C HIS A 236 11.87 22.63 -12.41
N GLU A 237 11.82 21.38 -12.89
CA GLU A 237 10.65 20.54 -12.73
C GLU A 237 10.46 19.85 -11.36
N LEU A 238 11.46 19.91 -10.49
CA LEU A 238 11.41 19.24 -9.19
C LEU A 238 10.19 19.40 -8.32
N ILE A 239 9.76 20.63 -8.08
CA ILE A 239 8.58 20.86 -7.23
C ILE A 239 7.31 20.18 -7.75
N GLN A 240 7.05 20.25 -9.05
CA GLN A 240 5.87 19.62 -9.63
C GLN A 240 6.01 18.08 -9.64
N VAL A 241 7.23 17.58 -9.83
CA VAL A 241 7.48 16.14 -9.82
C VAL A 241 7.20 15.63 -8.43
N MET A 242 7.70 16.31 -7.39
CA MET A 242 7.44 15.90 -5.99
C MET A 242 5.97 15.89 -5.61
N ALA A 243 5.21 16.81 -6.19
CA ALA A 243 3.81 16.89 -5.88
C ALA A 243 3.02 15.72 -6.42
N GLU A 244 3.61 14.92 -7.31
CA GLU A 244 2.90 13.79 -7.88
C GLU A 244 3.54 12.44 -7.60
N LEU A 245 4.47 12.42 -6.65
CA LEU A 245 5.21 11.21 -6.29
C LEU A 245 4.50 10.26 -5.34
N SER A 246 3.58 10.80 -4.54
CA SER A 246 2.83 9.99 -3.58
C SER A 246 1.82 9.08 -4.28
N PRO A 247 1.35 8.02 -3.58
CA PRO A 247 0.36 7.10 -4.18
C PRO A 247 -0.91 7.84 -4.61
N ALA A 248 -1.44 7.42 -5.75
CA ALA A 248 -2.65 8.00 -6.34
C ALA A 248 -3.94 7.56 -5.62
N ALA A 249 -5.00 8.35 -5.78
CA ALA A 249 -6.33 8.02 -5.26
C ALA A 249 -7.35 8.89 -5.96
N VAL B 12 15.82 53.65 -28.08
CA VAL B 12 14.91 54.08 -27.01
C VAL B 12 15.25 53.49 -25.64
N PRO B 13 14.95 54.23 -24.56
CA PRO B 13 15.22 53.71 -23.21
C PRO B 13 14.40 52.40 -23.09
N THR B 14 14.58 51.72 -21.96
CA THR B 14 13.93 50.45 -21.71
C THR B 14 12.71 50.56 -20.80
N PRO B 15 11.63 49.79 -21.11
CA PRO B 15 10.44 49.85 -20.25
C PRO B 15 10.90 49.49 -18.82
N THR B 16 10.19 49.93 -17.79
CA THR B 16 10.61 49.59 -16.45
C THR B 16 9.46 49.03 -15.64
N ASN B 17 9.82 48.45 -14.50
CA ASN B 17 8.88 47.90 -13.54
C ASN B 17 7.85 46.95 -14.20
N VAL B 18 8.36 45.96 -14.97
CA VAL B 18 7.50 44.95 -15.62
C VAL B 18 6.97 44.05 -14.49
N THR B 19 5.66 43.94 -14.42
CA THR B 19 5.02 43.23 -13.32
C THR B 19 3.87 42.38 -13.91
N ILE B 20 3.50 41.27 -13.27
CA ILE B 20 2.39 40.41 -13.73
C ILE B 20 1.50 40.18 -12.52
N GLU B 21 0.21 40.42 -12.65
CA GLU B 21 -0.78 40.23 -11.60
C GLU B 21 -1.93 39.34 -12.07
N SER B 22 -2.49 38.47 -11.22
CA SER B 22 -3.62 37.59 -11.62
C SER B 22 -4.66 37.40 -10.49
N TYR B 23 -5.93 37.61 -10.79
CA TYR B 23 -7.01 37.37 -9.85
C TYR B 23 -7.95 36.47 -10.63
N ASN B 24 -8.28 35.32 -10.06
CA ASN B 24 -9.13 34.33 -10.69
C ASN B 24 -8.58 33.93 -12.03
N MET B 25 -7.29 33.64 -12.05
CA MET B 25 -6.61 33.18 -13.26
C MET B 25 -6.79 34.09 -14.49
N ASN B 26 -6.59 35.40 -14.33
CA ASN B 26 -6.73 36.32 -15.45
C ASN B 26 -5.47 37.16 -15.40
N PRO B 27 -4.29 36.61 -15.81
CA PRO B 27 -3.02 37.37 -15.77
C PRO B 27 -2.89 38.59 -16.67
N ILE B 28 -2.43 39.71 -16.11
CA ILE B 28 -2.25 40.91 -16.88
C ILE B 28 -0.82 41.38 -16.65
N VAL B 29 -0.17 41.84 -17.71
CA VAL B 29 1.20 42.35 -17.61
C VAL B 29 1.13 43.89 -17.57
N TYR B 30 1.94 44.51 -16.71
CA TYR B 30 2.01 45.97 -16.56
C TYR B 30 3.45 46.44 -16.60
N TRP B 31 3.69 47.67 -17.03
CA TRP B 31 5.04 48.24 -17.07
C TRP B 31 4.90 49.75 -17.05
N GLU B 32 5.99 50.47 -16.96
CA GLU B 32 5.90 51.93 -16.95
C GLU B 32 6.89 52.40 -17.98
N TYR B 33 6.71 53.63 -18.47
CA TYR B 33 7.62 54.21 -19.45
C TYR B 33 7.76 55.74 -19.26
N GLN B 34 8.97 56.24 -19.48
CA GLN B 34 9.20 57.68 -19.33
C GLN B 34 8.64 58.53 -20.50
N ILE B 35 8.55 59.84 -20.23
CA ILE B 35 8.06 60.81 -21.20
C ILE B 35 9.10 60.89 -22.29
N MET B 36 8.64 60.99 -23.53
CA MET B 36 9.52 61.11 -24.69
C MET B 36 8.98 62.28 -25.55
N PRO B 37 9.76 62.74 -26.55
CA PRO B 37 9.35 63.83 -27.45
C PRO B 37 8.32 63.32 -28.44
N GLN B 38 8.20 62.00 -28.59
CA GLN B 38 7.17 61.40 -29.46
C GLN B 38 6.40 60.34 -28.65
N VAL B 39 5.36 59.77 -29.26
CA VAL B 39 4.53 58.72 -28.67
C VAL B 39 5.10 57.32 -28.95
N PRO B 40 5.59 56.62 -27.92
CA PRO B 40 6.15 55.28 -28.11
C PRO B 40 5.09 54.17 -28.31
N VAL B 41 5.48 53.08 -28.95
CA VAL B 41 4.55 51.96 -29.03
C VAL B 41 5.32 50.77 -28.44
N PHE B 42 4.59 49.79 -27.93
CA PHE B 42 5.18 48.60 -27.29
C PHE B 42 4.75 47.25 -27.87
N THR B 43 5.57 46.23 -27.67
CA THR B 43 5.24 44.88 -28.11
C THR B 43 5.50 43.97 -26.92
N VAL B 44 4.58 43.05 -26.64
CA VAL B 44 4.75 42.14 -25.50
C VAL B 44 4.89 40.69 -26.03
N GLU B 45 5.80 39.90 -25.45
CA GLU B 45 6.01 38.53 -25.88
C GLU B 45 5.99 37.63 -24.66
N VAL B 46 5.50 36.40 -24.86
CA VAL B 46 5.36 35.41 -23.80
C VAL B 46 6.05 34.11 -24.17
N LYS B 47 6.74 33.50 -23.21
CA LYS B 47 7.38 32.19 -23.42
C LYS B 47 6.92 31.21 -22.30
N ASN B 48 6.35 30.06 -22.67
CA ASN B 48 5.89 29.07 -21.71
C ASN B 48 6.86 27.92 -21.51
N TYR B 49 7.00 27.45 -20.28
CA TYR B 49 7.87 26.32 -20.01
C TYR B 49 7.36 25.10 -20.76
N GLY B 50 8.23 24.45 -21.55
CA GLY B 50 7.85 23.29 -22.31
C GLY B 50 7.65 23.62 -23.77
N VAL B 51 8.12 24.81 -24.16
CA VAL B 51 8.05 25.29 -25.56
C VAL B 51 8.85 24.28 -26.46
N LYS B 52 8.34 24.08 -27.68
CA LYS B 52 8.88 23.15 -28.68
C LYS B 52 10.34 23.47 -28.97
N ASN B 53 10.67 24.72 -29.36
CA ASN B 53 12.03 25.10 -29.66
C ASN B 53 12.52 26.15 -28.69
N SER B 54 12.77 27.42 -29.13
CA SER B 54 13.20 28.48 -28.21
C SER B 54 12.53 29.81 -28.55
N GLU B 55 11.19 29.78 -28.89
CA GLU B 55 10.41 30.88 -29.43
C GLU B 55 9.52 31.50 -28.35
N TRP B 56 9.51 32.90 -28.46
CA TRP B 56 8.69 33.85 -27.73
C TRP B 56 7.49 34.09 -28.68
N ILE B 57 6.28 34.16 -28.14
CA ILE B 57 5.04 34.35 -28.93
C ILE B 57 4.53 35.75 -28.70
N ASP B 58 4.14 36.47 -29.76
CA ASP B 58 3.61 37.84 -29.62
C ASP B 58 2.25 37.87 -28.88
N ALA B 59 2.10 38.66 -27.82
CA ALA B 59 0.82 38.75 -27.14
C ALA B 59 0.15 39.99 -27.75
N CYS B 60 0.73 41.18 -27.56
CA CYS B 60 0.18 42.39 -28.15
C CYS B 60 1.30 43.07 -28.92
N ILE B 61 0.93 43.68 -30.04
CA ILE B 61 1.86 44.28 -30.97
C ILE B 61 1.59 45.76 -31.23
N ASN B 62 2.58 46.60 -30.98
CA ASN B 62 2.46 48.03 -31.24
C ASN B 62 1.30 48.74 -30.54
N ILE B 63 1.23 48.65 -29.23
CA ILE B 63 0.15 49.34 -28.52
C ILE B 63 0.75 50.56 -27.83
N SER B 64 -0.02 51.60 -27.53
CA SER B 64 0.61 52.72 -26.83
C SER B 64 0.27 52.76 -25.34
N HIS B 65 -0.68 51.93 -24.90
CA HIS B 65 -1.02 51.89 -23.47
C HIS B 65 -0.05 50.90 -22.79
N HIS B 66 0.00 50.90 -21.46
CA HIS B 66 0.96 50.11 -20.68
C HIS B 66 0.57 48.82 -19.94
N TYR B 67 -0.27 48.00 -20.56
CA TYR B 67 -0.69 46.73 -19.97
C TYR B 67 -1.11 45.83 -21.10
N CYS B 68 -1.16 44.53 -20.83
CA CYS B 68 -1.54 43.53 -21.82
C CYS B 68 -2.08 42.30 -21.10
N ASN B 69 -3.33 41.92 -21.38
CA ASN B 69 -3.92 40.71 -20.79
C ASN B 69 -3.33 39.45 -21.49
N ILE B 70 -2.70 38.52 -20.75
CA ILE B 70 -2.12 37.33 -21.41
C ILE B 70 -2.86 36.00 -21.09
N SER B 71 -4.09 36.09 -20.61
CA SER B 71 -4.90 34.92 -20.28
C SER B 71 -4.91 33.89 -21.39
N ASP B 72 -4.95 34.34 -22.64
CA ASP B 72 -4.96 33.40 -23.77
C ASP B 72 -3.62 32.68 -23.95
N HIS B 73 -2.58 33.05 -23.21
CA HIS B 73 -1.29 32.38 -23.38
C HIS B 73 -0.88 31.54 -22.20
N VAL B 74 -1.81 31.23 -21.30
CA VAL B 74 -1.48 30.41 -20.15
C VAL B 74 -1.77 28.95 -20.52
N GLY B 75 -0.82 28.04 -20.29
CA GLY B 75 -1.16 26.67 -20.60
C GLY B 75 -1.86 26.15 -19.36
N ASP B 76 -1.11 25.34 -18.65
CA ASP B 76 -1.54 24.73 -17.41
C ASP B 76 -1.17 25.79 -16.39
N PRO B 77 -2.10 26.15 -15.48
CA PRO B 77 -1.87 27.16 -14.44
C PRO B 77 -0.68 26.86 -13.54
N SER B 78 -0.24 25.60 -13.47
CA SER B 78 0.91 25.23 -12.62
C SER B 78 2.26 25.43 -13.31
N ASN B 79 2.24 25.52 -14.64
CA ASN B 79 3.45 25.72 -15.40
C ASN B 79 3.94 27.17 -15.49
N SER B 80 5.25 27.35 -15.39
CA SER B 80 5.87 28.68 -15.43
C SER B 80 5.83 29.36 -16.79
N LEU B 81 5.86 30.68 -16.78
CA LEU B 81 5.90 31.43 -18.02
C LEU B 81 6.74 32.68 -17.75
N TRP B 82 7.25 33.32 -18.82
CA TRP B 82 8.07 34.54 -18.73
C TRP B 82 7.54 35.50 -19.78
N VAL B 83 7.64 36.80 -19.51
CA VAL B 83 7.16 37.83 -20.43
C VAL B 83 8.26 38.86 -20.69
N ARG B 84 8.28 39.45 -21.87
CA ARG B 84 9.25 40.52 -22.12
C ARG B 84 8.57 41.61 -22.96
N VAL B 85 8.97 42.85 -22.70
CA VAL B 85 8.39 44.02 -23.35
C VAL B 85 9.46 44.93 -23.98
N LYS B 86 9.25 45.42 -25.20
CA LYS B 86 10.19 46.38 -25.80
C LYS B 86 9.38 47.55 -26.39
N ALA B 87 10.03 48.70 -26.50
CA ALA B 87 9.42 49.91 -27.04
C ALA B 87 10.01 50.20 -28.41
N ARG B 88 9.28 50.97 -29.20
CA ARG B 88 9.73 51.28 -30.53
C ARG B 88 9.44 52.72 -30.91
N VAL B 89 10.31 53.24 -31.77
CA VAL B 89 10.25 54.59 -32.40
C VAL B 89 10.52 54.44 -33.93
N GLY B 90 9.46 54.21 -34.69
CA GLY B 90 9.61 54.00 -36.13
C GLY B 90 10.49 52.77 -36.38
N GLN B 91 11.82 53.02 -36.52
CA GLN B 91 12.79 51.96 -36.82
C GLN B 91 13.64 51.64 -35.60
N LYS B 92 13.75 52.48 -34.57
CA LYS B 92 14.58 52.19 -33.39
C LYS B 92 13.86 51.45 -32.23
N GLU B 93 14.29 50.24 -31.90
CA GLU B 93 13.69 49.48 -30.81
C GLU B 93 14.60 49.48 -29.58
N SER B 94 14.02 49.46 -28.39
CA SER B 94 14.79 49.41 -27.16
C SER B 94 15.23 47.97 -26.90
N ALA B 95 15.93 47.77 -25.79
CA ALA B 95 16.34 46.48 -25.33
C ALA B 95 15.05 45.94 -24.69
N TYR B 96 14.94 44.63 -24.51
CA TYR B 96 13.74 44.05 -23.87
C TYR B 96 13.78 44.17 -22.33
N ALA B 97 12.69 44.54 -21.66
CA ALA B 97 12.67 44.53 -20.18
C ALA B 97 12.02 43.15 -19.87
N LYS B 98 12.57 42.40 -18.93
CA LYS B 98 12.05 41.07 -18.68
C LYS B 98 11.35 40.90 -17.35
N SER B 99 10.33 40.04 -17.32
CA SER B 99 9.64 39.73 -16.06
C SER B 99 10.41 38.59 -15.38
N GLU B 100 10.09 38.40 -14.10
CA GLU B 100 10.63 37.27 -13.31
C GLU B 100 9.74 36.11 -13.75
N GLU B 101 10.13 34.89 -13.39
CA GLU B 101 9.35 33.69 -13.69
C GLU B 101 7.96 33.87 -12.99
N PHE B 102 6.87 33.49 -13.67
CA PHE B 102 5.53 33.61 -13.10
C PHE B 102 4.76 32.30 -13.29
N ALA B 103 4.05 31.82 -12.27
CA ALA B 103 3.17 30.64 -12.46
C ALA B 103 1.84 31.08 -11.86
N VAL B 104 0.74 31.00 -12.63
CA VAL B 104 -0.57 31.43 -12.12
C VAL B 104 -0.96 30.80 -10.77
N CYS B 105 -0.80 29.49 -10.62
CA CYS B 105 -1.17 28.79 -9.40
C CYS B 105 -0.36 29.22 -8.17
N ARG B 106 0.92 29.50 -8.38
CA ARG B 106 1.80 29.92 -7.27
C ARG B 106 1.70 31.40 -6.95
N ASP B 107 1.63 32.22 -7.99
CA ASP B 107 1.65 33.66 -7.85
C ASP B 107 0.34 34.42 -7.94
N GLY B 108 -0.72 33.82 -8.47
CA GLY B 108 -1.97 34.57 -8.54
C GLY B 108 -2.84 34.36 -7.31
N LYS B 109 -3.99 35.02 -7.25
CA LYS B 109 -4.91 34.84 -6.13
C LYS B 109 -6.29 34.40 -6.66
N ILE B 110 -6.95 33.51 -5.93
CA ILE B 110 -8.26 32.95 -6.27
C ILE B 110 -9.31 33.49 -5.30
N GLY B 111 -10.51 33.72 -5.81
CA GLY B 111 -11.62 34.23 -5.02
C GLY B 111 -12.10 33.18 -4.04
N PRO B 112 -13.05 33.53 -3.20
CA PRO B 112 -13.55 32.60 -2.20
C PRO B 112 -14.55 31.50 -2.61
N PRO B 113 -14.66 30.42 -1.78
CA PRO B 113 -15.63 29.35 -2.08
C PRO B 113 -17.00 29.97 -1.68
N LYS B 114 -18.11 29.36 -2.06
CA LYS B 114 -19.40 29.83 -1.60
C LYS B 114 -20.04 28.84 -0.63
N LEU B 115 -20.49 29.28 0.50
CA LEU B 115 -21.01 28.35 1.51
C LEU B 115 -22.49 28.42 1.73
N ASP B 116 -23.09 27.27 2.04
CA ASP B 116 -24.51 27.20 2.42
C ASP B 116 -24.65 26.39 3.68
N ILE B 117 -25.50 26.83 4.61
CA ILE B 117 -25.69 26.07 5.83
C ILE B 117 -27.16 25.68 6.00
N ARG B 118 -27.41 24.50 6.56
CA ARG B 118 -28.78 24.12 6.88
C ARG B 118 -28.74 23.30 8.16
N LYS B 119 -29.85 23.15 8.87
CA LYS B 119 -29.83 22.43 10.13
C LYS B 119 -30.65 21.21 10.18
N GLU B 120 -30.15 20.22 10.91
CA GLU B 120 -30.85 18.97 11.15
C GLU B 120 -30.98 18.81 12.67
N GLU B 121 -31.49 17.70 13.12
CA GLU B 121 -31.80 17.42 14.51
C GLU B 121 -30.66 17.85 15.44
N LYS B 122 -29.52 17.17 15.37
CA LYS B 122 -28.42 17.42 16.28
C LYS B 122 -27.18 17.91 15.58
N GLN B 123 -27.32 18.33 14.32
CA GLN B 123 -26.16 18.83 13.60
C GLN B 123 -26.50 19.83 12.51
N ILE B 124 -25.49 20.56 12.09
CA ILE B 124 -25.59 21.54 11.04
C ILE B 124 -24.81 20.96 9.84
N MET B 125 -25.35 21.11 8.63
CA MET B 125 -24.72 20.62 7.40
C MET B 125 -24.22 21.83 6.64
N ILE B 126 -22.98 21.77 6.19
CA ILE B 126 -22.40 22.88 5.45
C ILE B 126 -21.98 22.37 4.10
N ASP B 127 -22.41 23.06 3.05
CA ASP B 127 -22.04 22.75 1.67
C ASP B 127 -21.02 23.79 1.21
N ILE B 128 -19.84 23.36 0.78
CA ILE B 128 -18.84 24.31 0.33
C ILE B 128 -18.63 24.17 -1.17
N PHE B 129 -19.11 25.16 -1.94
CA PHE B 129 -18.99 25.15 -3.39
C PHE B 129 -17.65 25.75 -3.76
N HIS B 130 -16.92 25.04 -4.60
CA HIS B 130 -15.59 25.47 -5.09
C HIS B 130 -15.62 26.83 -5.79
N PRO B 131 -14.56 27.61 -5.65
CA PRO B 131 -14.55 28.92 -6.32
C PRO B 131 -14.92 28.74 -7.80
N SER B 132 -15.73 29.63 -8.32
CA SER B 132 -16.18 29.53 -9.70
C SER B 132 -15.11 29.19 -10.75
N VAL B 133 -13.88 29.70 -10.62
CA VAL B 133 -12.88 29.34 -11.64
C VAL B 133 -12.69 27.84 -11.82
N PHE B 134 -12.98 27.02 -10.79
CA PHE B 134 -12.78 25.57 -10.89
C PHE B 134 -13.94 24.74 -11.38
N VAL B 135 -15.02 25.37 -11.88
CA VAL B 135 -16.16 24.57 -12.33
C VAL B 135 -16.51 24.90 -13.78
N GLU B 147 -7.23 18.84 -16.25
CA GLU B 147 -6.40 17.93 -15.47
C GLU B 147 -5.01 18.51 -15.25
N THR B 148 -4.95 19.40 -14.25
CA THR B 148 -3.77 20.16 -13.84
C THR B 148 -3.60 19.91 -12.35
N THR B 149 -2.41 20.20 -11.82
CA THR B 149 -2.19 20.03 -10.38
C THR B 149 -2.68 21.21 -9.53
N CYS B 150 -3.29 22.20 -10.22
CA CYS B 150 -3.82 23.39 -9.55
C CYS B 150 -5.28 23.13 -9.18
N TYR B 151 -5.51 22.63 -7.97
CA TYR B 151 -6.86 22.36 -7.52
C TYR B 151 -6.79 22.55 -6.03
N ILE B 152 -7.95 22.61 -5.38
CA ILE B 152 -7.97 22.78 -3.92
C ILE B 152 -7.79 21.44 -3.19
N ARG B 153 -6.73 21.37 -2.38
CA ARG B 153 -6.41 20.16 -1.64
C ARG B 153 -7.09 20.05 -0.26
N VAL B 154 -7.26 21.18 0.41
CA VAL B 154 -7.93 21.21 1.71
C VAL B 154 -8.70 22.53 1.94
N TYR B 155 -9.80 22.45 2.69
CA TYR B 155 -10.58 23.63 3.07
C TYR B 155 -10.41 23.76 4.57
N ASN B 156 -10.01 24.95 5.02
CA ASN B 156 -9.91 25.27 6.45
C ASN B 156 -11.28 25.92 6.75
N VAL B 157 -12.05 25.36 7.67
CA VAL B 157 -13.39 25.86 8.01
C VAL B 157 -13.37 26.45 9.41
N TYR B 158 -13.73 27.73 9.52
CA TYR B 158 -13.74 28.48 10.77
C TYR B 158 -15.17 28.64 11.30
N VAL B 159 -15.42 28.10 12.48
CA VAL B 159 -16.75 28.15 13.07
C VAL B 159 -16.75 28.93 14.38
N ARG B 160 -17.75 29.79 14.60
CA ARG B 160 -17.92 30.51 15.87
C ARG B 160 -19.28 30.03 16.36
N MET B 161 -19.42 29.62 17.62
CA MET B 161 -20.72 29.20 18.19
C MET B 161 -20.86 29.94 19.51
N ASN B 162 -21.88 30.80 19.57
CA ASN B 162 -22.06 31.76 20.68
C ASN B 162 -20.67 32.50 20.83
N GLY B 163 -20.04 32.53 22.01
CA GLY B 163 -18.73 33.17 22.13
C GLY B 163 -17.45 32.29 21.95
N SER B 164 -17.60 31.03 21.52
CA SER B 164 -16.49 30.07 21.31
C SER B 164 -16.12 29.95 19.82
N GLU B 165 -14.95 29.42 19.51
CA GLU B 165 -14.48 29.27 18.12
C GLU B 165 -13.76 27.95 17.93
N ILE B 166 -13.90 27.34 16.77
CA ILE B 166 -13.18 26.11 16.51
C ILE B 166 -12.89 26.10 15.03
N GLN B 167 -11.86 25.38 14.63
CA GLN B 167 -11.50 25.32 13.23
C GLN B 167 -11.51 23.85 12.80
N TYR B 168 -12.06 23.51 11.63
CA TYR B 168 -12.08 22.14 11.12
C TYR B 168 -11.36 22.11 9.76
N LYS B 169 -10.93 20.95 9.29
CA LYS B 169 -10.23 20.84 8.01
C LYS B 169 -10.86 19.76 7.16
N ILE B 170 -11.08 20.04 5.89
CA ILE B 170 -11.66 19.00 5.03
C ILE B 170 -10.66 18.59 3.96
N LEU B 171 -10.28 17.32 3.90
CA LEU B 171 -9.33 16.88 2.85
C LEU B 171 -10.13 16.47 1.63
N THR B 172 -9.99 17.21 0.54
CA THR B 172 -10.78 16.90 -0.62
C THR B 172 -10.42 15.62 -1.34
N GLN B 173 -9.22 15.11 -1.16
CA GLN B 173 -8.94 13.92 -1.93
C GLN B 173 -9.26 12.64 -1.19
N LYS B 174 -8.82 12.55 0.05
CA LYS B 174 -9.12 11.36 0.83
C LYS B 174 -10.49 11.48 1.47
N GLU B 175 -11.52 11.70 0.65
CA GLU B 175 -12.85 11.84 1.23
C GLU B 175 -14.00 11.79 0.24
N ASP B 176 -15.03 10.96 0.56
CA ASP B 176 -16.23 10.78 -0.19
C ASP B 176 -17.11 12.02 -0.14
N ASP B 177 -16.76 12.95 0.77
CA ASP B 177 -17.41 14.19 1.07
C ASP B 177 -17.31 15.17 -0.08
N CYS B 178 -16.28 15.13 -0.89
CA CYS B 178 -16.08 16.09 -1.96
C CYS B 178 -16.15 15.52 -3.36
N ASP B 179 -16.59 16.35 -4.31
CA ASP B 179 -16.64 16.00 -5.73
C ASP B 179 -16.24 17.24 -6.52
N GLU B 180 -16.54 17.24 -7.81
CA GLU B 180 -16.25 18.35 -8.76
C GLU B 180 -17.04 19.67 -8.53
N ILE B 181 -18.17 19.55 -7.83
CA ILE B 181 -18.99 20.70 -7.55
C ILE B 181 -18.87 21.28 -6.13
N GLN B 182 -18.71 20.41 -5.14
CA GLN B 182 -18.68 20.87 -3.75
C GLN B 182 -18.16 19.83 -2.75
N CYS B 183 -17.95 20.28 -1.51
CA CYS B 183 -17.52 19.47 -0.34
C CYS B 183 -18.65 19.63 0.69
N GLN B 184 -18.86 18.66 1.57
CA GLN B 184 -19.89 18.76 2.61
C GLN B 184 -19.23 18.49 3.94
N LEU B 185 -19.76 19.11 5.00
CA LEU B 185 -19.23 18.93 6.36
C LEU B 185 -20.41 18.94 7.35
N ALA B 186 -20.43 18.03 8.34
CA ALA B 186 -21.50 17.99 9.36
C ALA B 186 -20.87 18.44 10.68
N ILE B 187 -21.46 19.41 11.36
CA ILE B 187 -20.90 19.91 12.63
C ILE B 187 -21.90 19.59 13.71
N PRO B 188 -21.44 19.06 14.88
CA PRO B 188 -22.43 18.77 15.93
C PRO B 188 -22.85 20.03 16.72
N VAL B 189 -24.15 20.11 17.04
CA VAL B 189 -24.78 21.18 17.80
C VAL B 189 -24.69 20.79 19.28
N SER B 190 -24.33 21.73 20.16
CA SER B 190 -24.19 21.38 21.59
C SER B 190 -24.12 22.57 22.53
N SER B 191 -24.04 22.24 23.83
CA SER B 191 -23.85 23.22 24.89
C SER B 191 -24.80 24.39 24.97
N LEU B 192 -26.03 24.24 24.45
CA LEU B 192 -27.05 25.29 24.47
C LEU B 192 -26.68 26.53 23.60
N ASN B 193 -25.73 26.33 22.68
CA ASN B 193 -25.31 27.39 21.76
C ASN B 193 -26.51 27.59 20.81
N SER B 194 -26.78 28.82 20.40
CA SER B 194 -27.91 29.04 19.53
C SER B 194 -27.49 29.64 18.16
N GLN B 195 -26.33 30.27 18.07
CA GLN B 195 -25.92 30.86 16.81
C GLN B 195 -24.61 30.23 16.37
N TYR B 196 -24.57 29.66 15.17
CA TYR B 196 -23.34 29.08 14.59
C TYR B 196 -23.03 29.90 13.33
N CYS B 197 -21.81 30.45 13.23
CA CYS B 197 -21.36 31.26 12.08
C CYS B 197 -20.16 30.57 11.44
N VAL B 198 -20.20 30.37 10.12
CA VAL B 198 -19.15 29.65 9.42
C VAL B 198 -18.52 30.36 8.22
N SER B 199 -17.20 30.28 8.09
CA SER B 199 -16.50 30.81 6.92
C SER B 199 -15.40 29.77 6.50
N ALA B 200 -14.90 29.83 5.26
CA ALA B 200 -13.89 28.85 4.81
C ALA B 200 -12.98 29.44 3.76
N GLU B 201 -11.78 28.86 3.63
CA GLU B 201 -10.80 29.25 2.61
C GLU B 201 -10.22 27.93 2.09
N GLY B 202 -9.88 27.88 0.81
CA GLY B 202 -9.29 26.67 0.25
C GLY B 202 -7.76 26.75 0.27
N VAL B 203 -7.06 25.63 0.20
CA VAL B 203 -5.58 25.60 0.17
C VAL B 203 -5.21 24.80 -1.10
N LEU B 204 -4.50 25.47 -2.00
CA LEU B 204 -4.13 24.89 -3.28
C LEU B 204 -3.06 23.82 -3.21
N HIS B 205 -3.14 22.84 -4.10
CA HIS B 205 -2.13 21.81 -4.15
C HIS B 205 -0.80 22.43 -4.68
N VAL B 206 0.30 21.69 -4.48
CA VAL B 206 1.66 22.08 -4.87
C VAL B 206 2.30 23.20 -4.00
N TRP B 207 1.87 24.45 -4.11
CA TRP B 207 2.48 25.53 -3.30
C TRP B 207 1.75 25.90 -2.02
N GLY B 208 0.57 25.34 -1.80
CA GLY B 208 -0.14 25.63 -0.57
C GLY B 208 -0.67 27.05 -0.41
N VAL B 209 -0.91 27.70 -1.54
CA VAL B 209 -1.44 29.07 -1.55
C VAL B 209 -2.92 29.02 -1.15
N THR B 210 -3.40 30.00 -0.38
CA THR B 210 -4.81 30.03 0.04
C THR B 210 -5.72 30.90 -0.86
N THR B 211 -6.99 30.53 -0.98
CA THR B 211 -7.93 31.32 -1.73
C THR B 211 -8.36 32.40 -0.74
N GLU B 212 -9.20 33.34 -1.17
CA GLU B 212 -9.72 34.37 -0.28
C GLU B 212 -10.71 33.65 0.65
N LYS B 213 -10.90 34.19 1.85
CA LYS B 213 -11.82 33.59 2.81
C LYS B 213 -13.24 34.14 2.61
N SER B 214 -14.23 33.27 2.60
CA SER B 214 -15.63 33.66 2.39
C SER B 214 -16.17 34.50 3.54
N LYS B 215 -17.11 35.40 3.21
CA LYS B 215 -17.76 36.13 4.29
C LYS B 215 -18.60 35.19 5.15
N GLU B 216 -18.63 35.37 6.40
CA GLU B 216 -19.33 34.40 7.23
C GLU B 216 -20.85 34.35 7.09
N VAL B 217 -21.41 33.13 7.07
CA VAL B 217 -22.85 32.93 6.98
C VAL B 217 -23.27 32.29 8.32
N CYS B 218 -24.41 32.75 8.86
CA CYS B 218 -24.91 32.26 10.15
C CYS B 218 -26.27 31.57 10.14
N ILE B 219 -26.51 30.76 11.16
CA ILE B 219 -27.76 30.05 11.31
C ILE B 219 -28.13 30.05 12.81
N THR B 220 -29.42 30.08 13.13
CA THR B 220 -29.94 30.10 14.51
C THR B 220 -30.61 28.78 14.87
N ILE B 221 -30.23 28.24 16.02
CA ILE B 221 -30.78 27.00 16.53
C ILE B 221 -31.71 27.39 17.72
N PHE B 222 -32.95 26.92 17.70
CA PHE B 222 -33.90 27.24 18.76
C PHE B 222 -33.85 26.13 19.81
N ASN B 223 -33.51 26.52 21.06
CA ASN B 223 -33.37 25.57 22.19
C ASN B 223 -34.72 25.05 22.71
N MET C 1 4.33 -25.06 -2.07
CA MET C 1 5.54 -24.97 -1.27
C MET C 1 5.27 -24.26 0.06
N GLN C 2 5.83 -24.79 1.11
CA GLN C 2 5.58 -24.32 2.47
C GLN C 2 6.50 -23.23 3.03
N ASP C 3 5.90 -22.11 3.46
CA ASP C 3 6.68 -21.03 4.04
C ASP C 3 7.46 -21.55 5.22
N PRO C 4 8.73 -21.16 5.33
CA PRO C 4 9.62 -21.56 6.41
C PRO C 4 9.07 -21.29 7.84
N TYR C 5 8.34 -20.21 8.04
CA TYR C 5 7.85 -19.91 9.38
C TYR C 5 6.96 -20.98 9.95
N VAL C 6 6.24 -21.70 9.09
CA VAL C 6 5.28 -22.71 9.54
C VAL C 6 5.85 -23.80 10.43
N LYS C 7 7.05 -24.21 10.11
CA LYS C 7 7.70 -25.27 10.84
C LYS C 7 8.19 -24.76 12.19
N GLU C 8 8.56 -23.48 12.30
CA GLU C 8 8.95 -22.93 13.61
C GLU C 8 7.69 -22.70 14.48
N ALA C 9 6.56 -22.39 13.86
CA ALA C 9 5.32 -22.25 14.62
C ALA C 9 4.87 -23.63 15.14
N GLU C 10 5.03 -24.69 14.33
CA GLU C 10 4.62 -26.03 14.78
C GLU C 10 5.47 -26.51 15.97
N ASN C 11 6.70 -26.06 15.97
CA ASN C 11 7.75 -26.28 16.97
C ASN C 11 7.34 -25.51 18.24
N LEU C 12 6.81 -24.31 18.12
CA LEU C 12 6.41 -23.58 19.31
C LEU C 12 5.17 -24.24 19.89
N LYS C 13 4.32 -24.74 19.00
CA LYS C 13 3.09 -25.43 19.42
C LYS C 13 3.43 -26.64 20.31
N LYS C 14 4.41 -27.44 19.92
CA LYS C 14 4.81 -28.59 20.71
C LYS C 14 5.42 -28.16 22.03
N TYR C 15 6.23 -27.10 22.01
CA TYR C 15 6.85 -26.55 23.22
C TYR C 15 5.80 -26.14 24.26
N PHE C 16 4.67 -25.59 23.81
CA PHE C 16 3.63 -25.17 24.73
C PHE C 16 2.54 -26.21 24.96
N ASN C 17 2.75 -27.45 24.48
CA ASN C 17 1.79 -28.56 24.55
C ASN C 17 0.46 -28.06 24.01
N ALA C 18 0.50 -27.20 22.98
CA ALA C 18 -0.72 -26.61 22.40
C ALA C 18 -1.46 -27.47 21.36
N GLY C 19 -1.02 -28.73 21.18
CA GLY C 19 -1.69 -29.66 20.28
C GLY C 19 -2.54 -30.66 21.08
N HIS C 20 -2.70 -30.42 22.39
CA HIS C 20 -3.50 -31.25 23.34
C HIS C 20 -4.97 -30.80 23.26
N SER C 21 -5.91 -31.72 23.28
CA SER C 21 -7.33 -31.35 23.15
C SER C 21 -7.88 -30.37 24.15
N ASP C 22 -7.24 -30.26 25.30
CA ASP C 22 -7.69 -29.36 26.32
C ASP C 22 -7.63 -27.94 25.81
N VAL C 23 -6.71 -27.67 24.87
CA VAL C 23 -6.58 -26.32 24.30
C VAL C 23 -7.84 -25.81 23.59
N ALA C 24 -8.70 -26.74 23.21
CA ALA C 24 -9.94 -26.44 22.51
C ALA C 24 -11.05 -25.91 23.38
N ASP C 25 -10.93 -26.05 24.69
CA ASP C 25 -12.00 -25.57 25.55
C ASP C 25 -12.18 -24.05 25.54
N ASN C 26 -13.44 -23.62 25.48
CA ASN C 26 -13.82 -22.20 25.54
C ASN C 26 -13.60 -21.21 24.38
N GLY C 27 -14.14 -21.52 23.19
CA GLY C 27 -14.02 -20.65 22.02
C GLY C 27 -12.63 -20.27 21.48
N THR C 28 -12.56 -19.20 20.68
CA THR C 28 -11.28 -18.75 20.13
C THR C 28 -10.83 -17.39 20.65
N LEU C 29 -9.55 -17.09 20.55
CA LEU C 29 -9.08 -15.81 21.00
C LEU C 29 -9.15 -14.83 19.85
N PHE C 30 -8.57 -15.24 18.72
CA PHE C 30 -8.45 -14.39 17.54
C PHE C 30 -9.12 -14.77 16.24
N LEU C 31 -9.24 -16.04 15.96
CA LEU C 31 -9.79 -16.48 14.68
C LEU C 31 -11.23 -16.11 14.36
N GLY C 32 -12.11 -16.19 15.35
CA GLY C 32 -13.51 -15.84 15.16
C GLY C 32 -13.70 -14.35 14.87
N ILE C 33 -13.03 -13.52 15.68
CA ILE C 33 -13.07 -12.08 15.52
C ILE C 33 -12.57 -11.67 14.15
N LEU C 34 -11.44 -12.18 13.73
CA LEU C 34 -10.91 -11.82 12.44
C LEU C 34 -11.90 -12.14 11.32
N LYS C 35 -12.57 -13.29 11.38
CA LYS C 35 -13.55 -13.68 10.36
C LYS C 35 -14.72 -12.67 10.20
N ASN C 36 -15.13 -11.99 11.26
CA ASN C 36 -16.21 -11.01 11.16
C ASN C 36 -15.84 -9.77 10.33
N TRP C 37 -14.55 -9.51 10.13
CA TRP C 37 -14.15 -8.31 9.40
C TRP C 37 -13.44 -8.52 8.06
N LYS C 38 -13.98 -7.87 6.99
CA LYS C 38 -13.49 -8.00 5.64
C LYS C 38 -12.84 -6.72 5.16
N GLU C 39 -13.34 -5.51 5.39
CA GLU C 39 -12.69 -4.30 4.85
C GLU C 39 -11.32 -4.20 5.44
N GLU C 40 -10.32 -3.86 4.65
CA GLU C 40 -8.98 -3.82 5.21
C GLU C 40 -8.77 -2.87 6.38
N SER C 41 -9.50 -1.75 6.43
CA SER C 41 -9.31 -0.84 7.56
C SER C 41 -9.80 -1.47 8.85
N ASP C 42 -10.87 -2.23 8.76
CA ASP C 42 -11.43 -2.92 9.93
C ASP C 42 -10.50 -4.04 10.37
N ARG C 43 -9.91 -4.73 9.40
CA ARG C 43 -8.99 -5.82 9.68
C ARG C 43 -7.74 -5.29 10.35
N LYS C 44 -7.21 -4.20 9.83
CA LYS C 44 -5.99 -3.64 10.38
C LYS C 44 -6.13 -3.15 11.84
N ILE C 45 -7.27 -2.59 12.24
CA ILE C 45 -7.39 -2.19 13.63
C ILE C 45 -7.39 -3.41 14.56
N MET C 46 -7.94 -4.55 14.11
CA MET C 46 -7.98 -5.78 14.93
C MET C 46 -6.64 -6.48 14.89
N GLN C 47 -6.02 -6.58 13.72
CA GLN C 47 -4.72 -7.22 13.60
C GLN C 47 -3.65 -6.46 14.38
N SER C 48 -3.73 -5.14 14.42
CA SER C 48 -2.76 -4.35 15.20
C SER C 48 -2.75 -4.84 16.67
N GLN C 49 -3.91 -5.08 17.25
CA GLN C 49 -4.02 -5.55 18.63
C GLN C 49 -3.54 -6.99 18.78
N ILE C 50 -3.79 -7.83 17.77
CA ILE C 50 -3.36 -9.22 17.83
C ILE C 50 -1.84 -9.31 17.74
N VAL C 51 -1.24 -8.53 16.85
CA VAL C 51 0.21 -8.54 16.68
C VAL C 51 0.92 -8.03 17.92
N SER C 52 0.41 -6.98 18.58
CA SER C 52 1.11 -6.53 19.78
C SER C 52 0.94 -7.55 20.94
N PHE C 53 -0.15 -8.31 20.93
CA PHE C 53 -0.44 -9.36 21.92
C PHE C 53 0.67 -10.43 21.74
N TYR C 54 0.96 -10.86 20.51
CA TYR C 54 2.04 -11.84 20.30
C TYR C 54 3.42 -11.29 20.72
N PHE C 55 3.77 -10.08 20.29
CA PHE C 55 5.06 -9.50 20.69
C PHE C 55 5.21 -9.49 22.22
N LYS C 56 4.14 -9.21 22.95
CA LYS C 56 4.26 -9.19 24.41
C LYS C 56 4.43 -10.60 24.99
N LEU C 57 3.73 -11.58 24.43
CA LEU C 57 3.85 -12.96 24.88
C LEU C 57 5.28 -13.41 24.66
N PHE C 58 5.83 -13.16 23.48
CA PHE C 58 7.21 -13.56 23.18
C PHE C 58 8.24 -12.85 24.07
N LYS C 59 7.96 -11.64 24.55
CA LYS C 59 8.92 -10.94 25.42
C LYS C 59 9.14 -11.73 26.68
N ASN C 60 8.07 -12.36 27.17
CA ASN C 60 8.10 -13.20 28.37
C ASN C 60 9.03 -14.40 28.28
N PHE C 61 9.37 -14.83 27.07
CA PHE C 61 10.27 -15.98 26.91
C PHE C 61 11.59 -15.58 26.27
N LYS C 62 11.97 -14.31 26.40
CA LYS C 62 13.22 -13.80 25.82
C LYS C 62 14.49 -14.49 26.35
N ASP C 63 14.51 -14.90 27.60
CA ASP C 63 15.71 -15.55 28.09
C ASP C 63 15.66 -17.08 27.98
N ASP C 64 14.70 -17.59 27.22
CA ASP C 64 14.55 -19.04 27.04
C ASP C 64 15.33 -19.46 25.81
N GLN C 65 16.60 -19.74 26.00
CA GLN C 65 17.46 -20.06 24.86
C GLN C 65 17.02 -21.17 23.90
N SER C 66 16.34 -22.22 24.35
CA SER C 66 15.94 -23.28 23.41
C SER C 66 14.91 -22.90 22.30
N ILE C 67 14.07 -21.89 22.52
CA ILE C 67 13.11 -21.53 21.48
C ILE C 67 13.42 -20.20 20.83
N GLN C 68 14.53 -19.56 21.22
CA GLN C 68 14.86 -18.24 20.69
C GLN C 68 14.96 -18.20 19.17
N LYS C 69 15.48 -19.25 18.56
CA LYS C 69 15.57 -19.29 17.12
C LYS C 69 14.17 -19.34 16.46
N SER C 70 13.26 -20.14 17.00
CA SER C 70 11.92 -20.19 16.45
C SER C 70 11.20 -18.85 16.59
N VAL C 71 11.26 -18.25 17.78
CA VAL C 71 10.60 -16.96 18.02
C VAL C 71 11.12 -15.85 17.10
N GLU C 72 12.43 -15.79 16.88
CA GLU C 72 13.02 -14.78 16.00
C GLU C 72 12.60 -15.02 14.55
N THR C 73 12.48 -16.26 14.08
CA THR C 73 11.99 -16.36 12.70
C THR C 73 10.47 -16.07 12.58
N ILE C 74 9.69 -16.27 13.63
CA ILE C 74 8.27 -15.94 13.58
C ILE C 74 8.17 -14.42 13.53
N LYS C 75 8.90 -13.76 14.44
CA LYS C 75 8.93 -12.30 14.52
C LYS C 75 9.41 -11.68 13.21
N GLU C 76 10.47 -12.21 12.61
CA GLU C 76 10.93 -11.65 11.35
C GLU C 76 9.85 -11.82 10.28
N ASP C 77 9.09 -12.91 10.32
CA ASP C 77 8.06 -13.08 9.33
C ASP C 77 6.83 -12.18 9.52
N MET C 78 6.57 -11.77 10.75
CA MET C 78 5.45 -10.87 11.08
C MET C 78 5.85 -9.50 10.53
N ASN C 79 7.14 -9.21 10.65
CA ASN C 79 7.75 -7.97 10.13
C ASN C 79 7.53 -7.83 8.62
N VAL C 80 7.75 -8.90 7.90
CA VAL C 80 7.57 -8.88 6.48
C VAL C 80 6.10 -8.75 6.11
N LYS C 81 5.25 -9.60 6.67
CA LYS C 81 3.81 -9.60 6.38
C LYS C 81 2.99 -8.44 6.89
N PHE C 82 3.21 -8.02 8.12
CA PHE C 82 2.44 -6.92 8.68
C PHE C 82 3.06 -5.50 8.56
N PHE C 83 4.37 -5.40 8.61
CA PHE C 83 5.01 -4.09 8.53
C PHE C 83 5.69 -3.87 7.18
N ASN C 84 5.60 -4.83 6.28
CA ASN C 84 6.23 -4.70 4.98
C ASN C 84 7.74 -4.47 5.07
N SER C 85 8.39 -5.06 6.07
CA SER C 85 9.84 -4.88 6.29
C SER C 85 10.28 -3.45 6.54
N ASN C 86 9.34 -2.59 6.94
CA ASN C 86 9.63 -1.19 7.18
C ASN C 86 10.11 -1.04 8.62
N LYS C 87 11.40 -0.76 8.84
CA LYS C 87 11.96 -0.59 10.19
C LYS C 87 11.38 0.63 10.96
N LYS C 88 11.18 1.77 10.31
CA LYS C 88 10.62 2.88 11.02
C LYS C 88 9.17 2.61 11.44
N LYS C 89 8.37 1.94 10.61
CA LYS C 89 6.96 1.61 10.95
C LYS C 89 6.91 0.67 12.19
N ARG C 90 7.79 -0.33 12.21
CA ARG C 90 7.92 -1.25 13.34
C ARG C 90 8.42 -0.51 14.60
N ASP C 91 9.38 0.41 14.49
CA ASP C 91 9.89 1.17 15.63
C ASP C 91 8.80 2.08 16.23
N ASP C 92 8.03 2.77 15.39
CA ASP C 92 6.92 3.65 15.87
C ASP C 92 5.87 2.81 16.62
N PHE C 93 5.53 1.66 16.06
CA PHE C 93 4.56 0.75 16.66
C PHE C 93 5.08 0.31 18.03
N GLU C 94 6.35 -0.07 18.11
CA GLU C 94 6.94 -0.51 19.37
C GLU C 94 6.86 0.57 20.44
N LYS C 95 7.18 1.81 20.08
CA LYS C 95 7.09 2.89 21.08
C LYS C 95 5.64 3.02 21.57
N LEU C 96 4.66 2.99 20.69
CA LEU C 96 3.27 3.12 21.10
C LEU C 96 2.84 2.03 22.07
N THR C 97 3.26 0.80 21.81
CA THR C 97 2.85 -0.31 22.67
C THR C 97 3.51 -0.29 24.01
N ASN C 98 4.62 0.44 24.13
CA ASN C 98 5.33 0.49 25.39
C ASN C 98 5.01 1.65 26.31
N TYR C 99 4.24 2.65 25.89
CA TYR C 99 3.90 3.77 26.77
C TYR C 99 3.16 3.26 28.01
N SER C 100 3.49 3.76 29.20
CA SER C 100 2.83 3.30 30.43
C SER C 100 1.61 4.10 30.86
N VAL C 101 0.42 3.50 31.04
CA VAL C 101 -0.74 4.32 31.47
C VAL C 101 -0.61 4.87 32.88
N THR C 102 0.26 4.26 33.70
CA THR C 102 0.42 4.74 35.06
C THR C 102 1.49 5.83 35.26
N ASP C 103 2.39 6.05 34.28
CA ASP C 103 3.43 7.08 34.37
C ASP C 103 2.71 8.43 34.30
N LEU C 104 2.85 9.25 35.35
CA LEU C 104 2.18 10.55 35.43
C LEU C 104 2.53 11.55 34.34
N ASN C 105 3.77 11.59 33.86
CA ASN C 105 4.03 12.53 32.80
C ASN C 105 3.53 12.07 31.45
N VAL C 106 3.39 10.76 31.28
CA VAL C 106 2.85 10.21 30.04
C VAL C 106 1.35 10.59 30.01
N GLN C 107 0.67 10.44 31.14
CA GLN C 107 -0.73 10.79 31.29
C GLN C 107 -1.01 12.24 30.88
N ARG C 108 -0.15 13.14 31.35
CA ARG C 108 -0.26 14.56 31.06
C ARG C 108 -0.07 14.86 29.58
N LYS C 109 0.95 14.26 28.98
CA LYS C 109 1.18 14.48 27.56
C LYS C 109 0.00 13.91 26.78
N ALA C 110 -0.55 12.78 27.23
CA ALA C 110 -1.67 12.17 26.52
C ALA C 110 -2.91 13.05 26.55
N ILE C 111 -3.18 13.64 27.69
CA ILE C 111 -4.35 14.51 27.84
C ILE C 111 -4.14 15.80 27.06
N ASP C 112 -2.91 16.31 27.03
CA ASP C 112 -2.65 17.53 26.28
C ASP C 112 -2.84 17.37 24.74
N GLU C 113 -2.56 16.18 24.20
CA GLU C 113 -2.67 15.92 22.78
C GLU C 113 -4.04 15.42 22.35
N LEU C 114 -4.96 15.21 23.29
CA LEU C 114 -6.29 14.66 22.99
C LEU C 114 -7.12 15.32 21.89
N ILE C 115 -7.31 16.63 21.95
CA ILE C 115 -8.08 17.31 20.94
C ILE C 115 -7.43 17.10 19.58
N GLN C 116 -6.10 17.25 19.48
CA GLN C 116 -5.41 17.05 18.20
C GLN C 116 -5.48 15.61 17.71
N VAL C 117 -5.46 14.63 18.62
CA VAL C 117 -5.58 13.24 18.18
C VAL C 117 -6.98 13.01 17.55
N MET C 118 -8.04 13.58 18.14
CA MET C 118 -9.38 13.39 17.60
C MET C 118 -9.45 13.92 16.19
N ALA C 119 -8.75 15.01 15.94
CA ALA C 119 -8.69 15.61 14.61
C ALA C 119 -7.95 14.64 13.66
N GLU C 120 -6.87 14.00 14.11
CA GLU C 120 -6.16 13.05 13.25
C GLU C 120 -7.00 11.79 13.01
N LEU C 121 -7.91 11.49 13.92
CA LEU C 121 -8.78 10.33 13.72
C LEU C 121 -9.88 10.70 12.71
N GLY C 122 -10.00 11.97 12.37
CA GLY C 122 -11.04 12.40 11.43
C GLY C 122 -12.30 12.99 12.08
N ALA C 123 -12.30 13.15 13.39
CA ALA C 123 -13.47 13.71 14.03
C ALA C 123 -13.58 15.23 13.98
N ASN C 124 -14.81 15.72 13.90
CA ASN C 124 -15.08 17.15 13.95
C ASN C 124 -15.71 17.25 15.34
N VAL C 125 -14.90 17.49 16.37
CA VAL C 125 -15.40 17.52 17.74
C VAL C 125 -16.37 18.67 18.10
N SER C 126 -17.27 18.43 19.06
CA SER C 126 -18.23 19.48 19.45
C SER C 126 -17.61 20.46 20.48
N GLY C 127 -18.29 21.58 20.69
CA GLY C 127 -17.85 22.54 21.69
C GLY C 127 -17.93 21.89 23.06
N GLU C 128 -18.81 20.91 23.28
CA GLU C 128 -18.90 20.23 24.58
C GLU C 128 -17.65 19.35 24.80
N PHE C 129 -17.19 18.68 23.75
CA PHE C 129 -16.00 17.84 23.83
C PHE C 129 -14.81 18.72 24.20
N VAL C 130 -14.71 19.90 23.58
CA VAL C 130 -13.59 20.80 23.90
C VAL C 130 -13.54 21.28 25.36
N LYS C 131 -14.70 21.57 25.96
CA LYS C 131 -14.79 22.01 27.34
C LYS C 131 -14.42 20.87 28.27
N GLU C 132 -14.90 19.67 27.96
CA GLU C 132 -14.59 18.50 28.78
C GLU C 132 -13.10 18.14 28.74
N ALA C 133 -12.48 18.29 27.56
CA ALA C 133 -11.07 18.01 27.40
C ALA C 133 -10.26 19.09 28.13
N GLU C 134 -10.67 20.34 28.09
CA GLU C 134 -9.93 21.35 28.83
C GLU C 134 -10.04 21.14 30.33
N ASN C 135 -11.15 20.51 30.77
CA ASN C 135 -11.33 20.18 32.19
C ASN C 135 -10.40 19.02 32.62
N LEU C 136 -10.26 17.99 31.77
CA LEU C 136 -9.37 16.89 32.10
C LEU C 136 -7.96 17.42 32.18
N LYS C 137 -7.65 18.43 31.37
CA LYS C 137 -6.33 19.04 31.34
C LYS C 137 -6.01 19.84 32.59
N LYS C 138 -7.01 20.44 33.22
CA LYS C 138 -6.77 21.21 34.44
C LYS C 138 -6.42 20.20 35.50
N TYR C 139 -7.27 19.18 35.57
CA TYR C 139 -7.13 18.09 36.51
C TYR C 139 -5.71 17.49 36.48
N PHE C 140 -5.28 17.00 35.31
CA PHE C 140 -3.95 16.38 35.20
C PHE C 140 -2.70 17.28 35.21
N ASN C 141 -2.77 18.62 35.24
CA ASN C 141 -1.50 19.30 35.23
C ASN C 141 -1.32 20.14 36.48
N GLY C 151 9.71 15.08 22.93
CA GLY C 151 8.55 15.74 22.36
C GLY C 151 7.24 15.03 22.64
N THR C 152 6.38 15.02 21.64
CA THR C 152 5.06 14.40 21.76
C THR C 152 5.03 12.88 21.89
N LEU C 153 3.89 12.40 22.35
CA LEU C 153 3.66 10.99 22.53
C LEU C 153 3.08 10.39 21.27
N PHE C 154 2.05 11.03 20.74
CA PHE C 154 1.30 10.53 19.57
C PHE C 154 1.31 11.35 18.27
N LEU C 155 1.33 12.68 18.35
CA LEU C 155 1.23 13.50 17.14
C LEU C 155 2.37 13.35 16.17
N GLY C 156 3.60 13.20 16.67
CA GLY C 156 4.74 13.02 15.77
C GLY C 156 4.58 11.74 14.97
N ILE C 157 4.31 10.63 15.64
CA ILE C 157 4.11 9.35 14.97
C ILE C 157 2.94 9.43 13.94
N LEU C 158 1.83 10.06 14.29
CA LEU C 158 0.72 10.15 13.36
C LEU C 158 1.10 10.92 12.07
N LYS C 159 1.99 11.91 12.19
CA LYS C 159 2.41 12.70 11.03
C LYS C 159 3.35 11.92 10.12
N ASN C 160 3.96 10.85 10.64
CA ASN C 160 4.90 10.06 9.85
C ASN C 160 4.20 9.18 8.82
N TRP C 161 2.94 8.81 9.09
CA TRP C 161 2.24 7.88 8.22
C TRP C 161 1.04 8.47 7.48
N LYS C 162 1.11 8.54 6.15
CA LYS C 162 0.02 9.08 5.36
C LYS C 162 -0.96 8.05 4.81
N GLU C 163 -0.51 6.84 4.43
CA GLU C 163 -1.43 5.86 3.84
C GLU C 163 -2.40 5.28 4.83
N GLU C 164 -3.63 5.04 4.39
CA GLU C 164 -4.63 4.61 5.32
C GLU C 164 -4.39 3.39 6.18
N SER C 165 -3.83 2.31 5.61
CA SER C 165 -3.60 1.12 6.43
C SER C 165 -2.55 1.36 7.50
N ASP C 166 -1.50 2.13 7.20
CA ASP C 166 -0.48 2.39 8.22
C ASP C 166 -1.08 3.24 9.33
N ARG C 167 -1.94 4.18 8.94
CA ARG C 167 -2.62 5.06 9.91
C ARG C 167 -3.45 4.22 10.90
N LYS C 168 -4.20 3.26 10.38
CA LYS C 168 -5.04 2.39 11.21
C LYS C 168 -4.25 1.57 12.23
N ILE C 169 -3.09 1.06 11.81
CA ILE C 169 -2.21 0.25 12.66
C ILE C 169 -1.85 1.06 13.87
N MET C 170 -1.46 2.32 13.66
CA MET C 170 -1.05 3.19 14.77
C MET C 170 -2.23 3.71 15.58
N GLN C 171 -3.30 4.07 14.90
CA GLN C 171 -4.43 4.60 15.61
C GLN C 171 -5.01 3.57 16.55
N SER C 172 -4.95 2.30 16.15
CA SER C 172 -5.49 1.24 16.98
C SER C 172 -4.77 1.20 18.33
N GLN C 173 -3.47 1.42 18.32
CA GLN C 173 -2.69 1.40 19.54
C GLN C 173 -2.92 2.66 20.37
N ILE C 174 -3.13 3.80 19.72
CA ILE C 174 -3.37 5.05 20.45
C ILE C 174 -4.74 5.02 21.16
N VAL C 175 -5.77 4.61 20.45
CA VAL C 175 -7.10 4.49 21.02
C VAL C 175 -7.15 3.44 22.15
N SER C 176 -6.46 2.30 22.06
CA SER C 176 -6.54 1.37 23.19
C SER C 176 -5.82 1.98 24.39
N PHE C 177 -4.84 2.82 24.16
CA PHE C 177 -4.16 3.45 25.29
C PHE C 177 -5.14 4.40 25.98
N TYR C 178 -5.87 5.21 25.22
CA TYR C 178 -6.82 6.13 25.84
C TYR C 178 -7.97 5.37 26.50
N PHE C 179 -8.44 4.27 25.95
CA PHE C 179 -9.52 3.51 26.60
C PHE C 179 -9.12 2.92 27.97
N LYS C 180 -7.84 2.57 28.10
CA LYS C 180 -7.24 2.03 29.31
C LYS C 180 -7.08 3.17 30.33
N LEU C 181 -6.62 4.35 29.88
CA LEU C 181 -6.52 5.52 30.76
C LEU C 181 -7.93 5.91 31.30
N PHE C 182 -8.96 5.96 30.42
CA PHE C 182 -10.30 6.34 30.85
C PHE C 182 -10.90 5.31 31.80
N LYS C 183 -10.63 4.02 31.57
CA LYS C 183 -11.15 2.97 32.47
C LYS C 183 -10.64 3.16 33.90
N ASN C 184 -9.36 3.49 34.04
CA ASN C 184 -8.72 3.74 35.32
C ASN C 184 -9.13 4.99 36.07
N PHE C 185 -9.79 5.94 35.42
CA PHE C 185 -10.16 7.19 36.08
C PHE C 185 -11.65 7.44 35.94
N LYS C 186 -12.41 6.40 35.60
CA LYS C 186 -13.84 6.57 35.40
C LYS C 186 -14.64 6.74 36.67
N ASP C 187 -13.99 6.52 37.81
CA ASP C 187 -14.61 6.62 39.14
C ASP C 187 -14.34 7.96 39.81
N ASP C 188 -13.26 8.59 39.37
CA ASP C 188 -12.81 9.86 39.88
C ASP C 188 -13.96 10.85 39.87
N GLN C 189 -14.37 11.32 41.03
CA GLN C 189 -15.55 12.18 41.18
C GLN C 189 -15.40 13.45 40.37
N SER C 190 -14.26 14.12 40.44
CA SER C 190 -14.04 15.39 39.73
C SER C 190 -14.16 15.41 38.20
N ILE C 191 -13.90 14.27 37.55
CA ILE C 191 -13.90 14.21 36.11
C ILE C 191 -14.72 13.10 35.51
N GLN C 192 -15.50 12.45 36.36
CA GLN C 192 -16.34 11.35 35.92
C GLN C 192 -17.22 11.63 34.70
N LYS C 193 -17.93 12.76 34.68
CA LYS C 193 -18.78 13.06 33.52
C LYS C 193 -17.96 13.45 32.28
N SER C 194 -16.86 14.18 32.47
CA SER C 194 -15.96 14.56 31.37
C SER C 194 -15.43 13.29 30.70
N VAL C 195 -14.91 12.37 31.52
CA VAL C 195 -14.37 11.12 31.00
C VAL C 195 -15.45 10.36 30.24
N GLU C 196 -16.69 10.29 30.74
CA GLU C 196 -17.71 9.54 30.01
C GLU C 196 -18.06 10.12 28.63
N THR C 197 -18.03 11.44 28.54
CA THR C 197 -18.35 12.17 27.31
C THR C 197 -17.29 11.94 26.23
N ILE C 198 -16.03 12.10 26.63
CA ILE C 198 -14.89 11.93 25.74
C ILE C 198 -14.76 10.51 25.20
N LYS C 199 -14.88 9.53 26.10
CA LYS C 199 -14.79 8.11 25.73
C LYS C 199 -15.89 7.77 24.76
N GLU C 200 -17.11 8.22 25.02
CA GLU C 200 -18.19 7.91 24.10
C GLU C 200 -17.98 8.53 22.73
N ASP C 201 -17.54 9.78 22.64
CA ASP C 201 -17.30 10.39 21.32
C ASP C 201 -16.15 9.65 20.61
N MET C 202 -15.11 9.26 21.33
CA MET C 202 -14.01 8.56 20.68
C MET C 202 -14.51 7.21 20.11
N ASN C 203 -15.40 6.54 20.85
CA ASN C 203 -15.97 5.26 20.41
C ASN C 203 -16.84 5.42 19.13
N VAL C 204 -17.70 6.43 19.14
CA VAL C 204 -18.55 6.70 17.99
C VAL C 204 -17.70 6.91 16.71
N LYS C 205 -16.65 7.72 16.77
CA LYS C 205 -15.81 7.98 15.59
C LYS C 205 -14.95 6.80 15.10
N PHE C 206 -14.24 6.18 16.04
CA PHE C 206 -13.34 5.08 15.71
C PHE C 206 -14.01 3.81 15.20
N PHE C 207 -15.16 3.47 15.77
CA PHE C 207 -15.88 2.26 15.34
C PHE C 207 -17.01 2.55 14.37
N ASN C 208 -17.10 3.81 13.94
CA ASN C 208 -18.13 4.25 12.99
C ASN C 208 -19.55 3.83 13.42
N SER C 209 -19.87 4.01 14.69
CA SER C 209 -21.19 3.65 15.21
C SER C 209 -21.52 2.18 15.08
N ASN C 210 -20.53 1.29 14.93
CA ASN C 210 -20.81 -0.14 14.83
C ASN C 210 -20.57 -0.85 16.18
N LYS C 211 -21.63 -1.25 16.87
CA LYS C 211 -21.57 -1.85 18.19
C LYS C 211 -20.83 -3.18 18.15
N LYS C 212 -20.93 -3.95 17.07
CA LYS C 212 -20.25 -5.24 16.99
C LYS C 212 -18.74 -5.06 16.87
N LYS C 213 -18.32 -4.04 16.11
CA LYS C 213 -16.90 -3.71 15.93
C LYS C 213 -16.35 -3.27 17.29
N ARG C 214 -17.10 -2.41 17.98
CA ARG C 214 -16.67 -1.96 19.31
C ARG C 214 -16.54 -3.09 20.33
N ASP C 215 -17.49 -4.04 20.28
CA ASP C 215 -17.50 -5.19 21.18
C ASP C 215 -16.34 -6.15 20.89
N ASP C 216 -16.02 -6.41 19.62
CA ASP C 216 -14.88 -7.29 19.27
C ASP C 216 -13.59 -6.64 19.73
N PHE C 217 -13.43 -5.34 19.50
CA PHE C 217 -12.23 -4.61 19.93
C PHE C 217 -12.08 -4.65 21.47
N GLU C 218 -13.15 -4.56 22.25
CA GLU C 218 -13.03 -4.64 23.73
C GLU C 218 -12.61 -6.05 24.14
N LYS C 219 -13.13 -7.07 23.47
CA LYS C 219 -12.80 -8.46 23.78
C LYS C 219 -11.30 -8.67 23.58
N LEU C 220 -10.82 -8.31 22.39
CA LEU C 220 -9.41 -8.41 22.05
C LEU C 220 -8.46 -7.69 23.02
N THR C 221 -8.90 -6.56 23.57
CA THR C 221 -8.03 -5.79 24.44
C THR C 221 -8.17 -6.15 25.92
N ASN C 222 -9.02 -7.11 26.25
CA ASN C 222 -9.17 -7.45 27.65
C ASN C 222 -8.91 -8.90 28.08
N TYR C 223 -8.12 -9.63 27.28
CA TYR C 223 -7.75 -11.03 27.57
C TYR C 223 -6.66 -11.03 28.64
N SER C 224 -6.72 -12.00 29.57
CA SER C 224 -5.69 -12.04 30.61
C SER C 224 -4.32 -12.16 29.94
N VAL C 225 -3.33 -11.46 30.47
CA VAL C 225 -2.00 -11.51 29.90
C VAL C 225 -1.16 -12.60 30.57
N THR C 226 -1.67 -13.06 31.72
CA THR C 226 -1.01 -14.08 32.53
C THR C 226 -1.56 -15.53 32.49
N ASP C 227 -2.87 -15.72 32.31
CA ASP C 227 -3.45 -17.06 32.25
C ASP C 227 -2.66 -17.96 31.27
N LEU C 228 -2.07 -19.05 31.76
CA LEU C 228 -1.30 -19.97 30.89
C LEU C 228 -2.19 -20.62 29.85
N ASN C 229 -3.47 -20.80 30.14
CA ASN C 229 -4.35 -21.38 29.15
C ASN C 229 -4.66 -20.38 28.02
N VAL C 230 -4.62 -19.07 28.32
CA VAL C 230 -4.83 -18.08 27.27
C VAL C 230 -3.58 -18.08 26.39
N GLN C 231 -2.39 -18.18 26.98
CA GLN C 231 -1.15 -18.21 26.20
C GLN C 231 -1.09 -19.41 25.26
N ARG C 232 -1.50 -20.56 25.77
CA ARG C 232 -1.55 -21.79 25.03
C ARG C 232 -2.50 -21.73 23.84
N LYS C 233 -3.67 -21.10 24.02
CA LYS C 233 -4.62 -20.92 22.90
C LYS C 233 -4.03 -19.96 21.84
N ALA C 234 -3.28 -18.93 22.27
CA ALA C 234 -2.64 -18.01 21.30
C ALA C 234 -1.58 -18.76 20.47
N ILE C 235 -0.76 -19.60 21.09
CA ILE C 235 0.22 -20.34 20.31
C ILE C 235 -0.50 -21.31 19.35
N HIS C 236 -1.61 -21.89 19.81
CA HIS C 236 -2.32 -22.77 18.92
C HIS C 236 -2.82 -22.03 17.68
N GLU C 237 -3.35 -20.81 17.86
CA GLU C 237 -3.89 -20.09 16.69
C GLU C 237 -2.87 -19.34 15.82
N LEU C 238 -1.62 -19.29 16.24
CA LEU C 238 -0.59 -18.58 15.49
C LEU C 238 -0.50 -18.84 14.00
N ILE C 239 -0.42 -20.09 13.56
CA ILE C 239 -0.29 -20.36 12.13
C ILE C 239 -1.45 -19.80 11.31
N GLN C 240 -2.67 -19.96 11.79
CA GLN C 240 -3.83 -19.44 11.04
C GLN C 240 -3.91 -17.91 11.08
N VAL C 241 -3.36 -17.29 12.12
CA VAL C 241 -3.34 -15.82 12.21
C VAL C 241 -2.29 -15.30 11.19
N MET C 242 -1.12 -15.94 11.14
CA MET C 242 -0.08 -15.51 10.22
C MET C 242 -0.52 -15.61 8.79
N ALA C 243 -1.25 -16.65 8.46
CA ALA C 243 -1.77 -16.90 7.13
C ALA C 243 -2.69 -15.79 6.64
N GLU C 244 -3.22 -14.98 7.55
CA GLU C 244 -4.13 -13.89 7.18
C GLU C 244 -3.60 -12.49 7.49
N LEU C 245 -2.31 -12.36 7.78
CA LEU C 245 -1.73 -11.08 8.19
C LEU C 245 -1.46 -10.09 7.05
N SER C 246 -1.25 -10.61 5.85
CA SER C 246 -1.02 -9.75 4.70
C SER C 246 -2.35 -9.25 4.15
N PRO C 247 -2.31 -8.13 3.42
CA PRO C 247 -3.55 -7.59 2.84
C PRO C 247 -3.99 -8.52 1.72
N ALA C 248 -5.28 -8.84 1.67
CA ALA C 248 -5.81 -9.73 0.63
C ALA C 248 -6.08 -8.99 -0.69
N ALA C 249 -6.14 -9.74 -1.79
CA ALA C 249 -6.41 -9.19 -3.13
C ALA C 249 -5.65 -7.90 -3.34
N VAL D 12 -11.90 -54.60 30.54
CA VAL D 12 -12.11 -54.28 29.11
C VAL D 12 -10.91 -53.53 28.52
N PRO D 13 -10.16 -54.14 27.57
CA PRO D 13 -9.00 -53.47 26.96
C PRO D 13 -9.37 -52.22 26.15
N THR D 14 -8.40 -51.33 26.01
CA THR D 14 -8.56 -50.07 25.28
C THR D 14 -8.29 -50.31 23.82
N PRO D 15 -9.00 -49.61 22.93
CA PRO D 15 -8.79 -49.78 21.48
C PRO D 15 -7.34 -49.39 21.16
N THR D 16 -6.79 -49.84 20.04
CA THR D 16 -5.42 -49.50 19.69
C THR D 16 -5.30 -48.88 18.30
N ASN D 17 -4.12 -48.28 18.06
CA ASN D 17 -3.77 -47.70 16.77
C ASN D 17 -4.87 -46.84 16.13
N VAL D 18 -5.37 -45.87 16.87
CA VAL D 18 -6.40 -44.94 16.38
C VAL D 18 -5.76 -43.95 15.40
N THR D 19 -6.17 -44.00 14.13
CA THR D 19 -5.65 -43.09 13.12
C THR D 19 -6.83 -42.39 12.41
N ILE D 20 -6.54 -41.27 11.72
CA ILE D 20 -7.53 -40.49 10.96
C ILE D 20 -6.90 -40.25 9.58
N GLU D 21 -7.66 -40.52 8.52
CA GLU D 21 -7.23 -40.34 7.14
C GLU D 21 -8.28 -39.57 6.34
N SER D 22 -7.86 -38.74 5.41
CA SER D 22 -8.82 -37.97 4.63
C SER D 22 -8.43 -37.80 3.16
N TYR D 23 -9.30 -38.19 2.24
CA TYR D 23 -9.07 -38.03 0.81
C TYR D 23 -10.28 -37.24 0.35
N ASN D 24 -10.03 -36.12 -0.33
CA ASN D 24 -11.08 -35.20 -0.77
C ASN D 24 -12.01 -34.78 0.37
N MET D 25 -11.40 -34.36 1.47
CA MET D 25 -12.12 -33.87 2.64
C MET D 25 -13.23 -34.81 3.13
N ASN D 26 -12.91 -36.09 3.21
CA ASN D 26 -13.84 -37.12 3.69
C ASN D 26 -13.10 -37.86 4.82
N PRO D 27 -12.89 -37.21 5.97
CA PRO D 27 -12.17 -37.86 7.08
C PRO D 27 -12.81 -39.06 7.76
N ILE D 28 -11.99 -40.09 7.93
CA ILE D 28 -12.42 -41.35 8.54
C ILE D 28 -11.47 -41.77 9.68
N VAL D 29 -12.02 -42.23 10.80
CA VAL D 29 -11.25 -42.67 11.96
C VAL D 29 -11.14 -44.20 11.89
N TYR D 30 -9.96 -44.75 12.14
CA TYR D 30 -9.77 -46.22 12.13
C TYR D 30 -9.14 -46.64 13.44
N TRP D 31 -9.35 -47.89 13.84
CA TRP D 31 -8.69 -48.42 15.03
C TRP D 31 -8.66 -49.94 14.96
N GLU D 32 -7.96 -50.55 15.91
CA GLU D 32 -7.87 -52.02 15.98
C GLU D 32 -8.28 -52.51 17.38
N TYR D 33 -8.64 -53.79 17.51
CA TYR D 33 -9.03 -54.33 18.83
C TYR D 33 -8.72 -55.82 18.85
N GLN D 34 -8.39 -56.35 20.03
CA GLN D 34 -8.07 -57.78 20.16
C GLN D 34 -9.26 -58.73 20.18
N ILE D 35 -8.98 -60.03 20.10
CA ILE D 35 -10.03 -61.03 20.12
C ILE D 35 -10.51 -61.18 21.56
N MET D 36 -11.83 -61.27 21.65
CA MET D 36 -12.58 -61.36 22.89
C MET D 36 -13.66 -62.45 22.77
N PRO D 37 -13.95 -63.14 23.89
CA PRO D 37 -14.98 -64.17 23.87
C PRO D 37 -16.35 -63.49 23.64
N GLN D 38 -16.54 -62.26 24.13
CA GLN D 38 -17.80 -61.54 23.90
C GLN D 38 -17.55 -60.47 22.83
N VAL D 39 -18.61 -60.08 22.13
CA VAL D 39 -18.54 -59.03 21.10
C VAL D 39 -18.46 -57.60 21.66
N PRO D 40 -17.35 -56.87 21.42
CA PRO D 40 -17.25 -55.50 21.93
C PRO D 40 -17.97 -54.50 21.01
N VAL D 41 -18.47 -53.39 21.56
CA VAL D 41 -19.09 -52.33 20.74
C VAL D 41 -18.41 -51.04 21.12
N PHE D 42 -18.20 -50.19 20.12
CA PHE D 42 -17.47 -48.95 20.27
C PHE D 42 -18.25 -47.66 20.15
N THR D 43 -17.68 -46.63 20.76
CA THR D 43 -18.23 -45.27 20.72
C THR D 43 -17.08 -44.32 20.34
N VAL D 44 -17.33 -43.49 19.33
CA VAL D 44 -16.33 -42.53 18.83
C VAL D 44 -16.85 -41.12 19.13
N GLU D 45 -15.98 -40.26 19.68
CA GLU D 45 -16.34 -38.90 20.03
C GLU D 45 -15.38 -37.93 19.36
N VAL D 46 -15.90 -36.76 19.00
CA VAL D 46 -15.11 -35.74 18.32
C VAL D 46 -15.14 -34.36 19.02
N LYS D 47 -14.00 -33.69 19.10
CA LYS D 47 -13.92 -32.36 19.67
C LYS D 47 -13.24 -31.41 18.66
N ASN D 48 -13.86 -30.29 18.35
CA ASN D 48 -13.33 -29.32 17.39
C ASN D 48 -12.73 -28.10 18.07
N TYR D 49 -11.62 -27.56 17.57
CA TYR D 49 -11.07 -26.35 18.16
C TYR D 49 -12.09 -25.21 18.02
N GLY D 50 -12.29 -24.44 19.08
CA GLY D 50 -13.26 -23.37 18.99
C GLY D 50 -14.54 -23.78 19.70
N VAL D 51 -14.54 -24.96 20.34
CA VAL D 51 -15.78 -25.39 21.02
C VAL D 51 -16.14 -24.40 22.12
N LYS D 52 -17.44 -24.15 22.27
CA LYS D 52 -18.03 -23.19 23.20
C LYS D 52 -17.57 -23.47 24.62
N ASN D 53 -17.65 -24.72 25.15
CA ASN D 53 -17.15 -25.04 26.47
C ASN D 53 -16.10 -26.13 26.40
N SER D 54 -16.41 -27.37 26.91
CA SER D 54 -15.45 -28.48 26.91
C SER D 54 -16.09 -29.75 26.35
N GLU D 55 -17.14 -29.77 25.47
CA GLU D 55 -17.97 -30.90 25.04
C GLU D 55 -17.36 -31.60 23.83
N TRP D 56 -17.40 -32.98 24.00
CA TRP D 56 -17.04 -33.99 23.01
C TRP D 56 -18.39 -34.38 22.41
N ILE D 57 -18.48 -34.52 21.09
CA ILE D 57 -19.74 -34.91 20.48
C ILE D 57 -19.67 -36.35 19.96
N ASP D 58 -20.72 -37.14 20.20
CA ASP D 58 -20.79 -38.53 19.73
C ASP D 58 -20.85 -38.62 18.19
N ALA D 59 -19.90 -39.32 17.55
CA ALA D 59 -19.91 -39.47 16.08
C ALA D 59 -20.59 -40.77 15.65
N CYS D 60 -20.38 -41.85 16.39
CA CYS D 60 -21.08 -43.11 16.15
C CYS D 60 -21.18 -43.78 17.53
N ILE D 61 -22.20 -44.62 17.72
CA ILE D 61 -22.49 -45.27 18.98
C ILE D 61 -22.79 -46.75 18.80
N ASN D 62 -22.32 -47.58 19.72
CA ASN D 62 -22.55 -49.02 19.70
C ASN D 62 -22.36 -49.73 18.36
N ILE D 63 -21.23 -49.49 17.71
CA ILE D 63 -20.95 -50.19 16.47
C ILE D 63 -19.98 -51.32 16.79
N SER D 64 -19.99 -52.39 16.01
CA SER D 64 -19.03 -53.45 16.29
C SER D 64 -17.87 -53.47 15.26
N HIS D 65 -17.95 -52.65 14.19
CA HIS D 65 -16.85 -52.58 13.25
C HIS D 65 -15.83 -51.53 13.71
N HIS D 66 -14.70 -51.43 13.04
CA HIS D 66 -13.62 -50.54 13.48
C HIS D 66 -13.25 -49.31 12.68
N TYR D 67 -14.22 -48.56 12.20
CA TYR D 67 -13.95 -47.30 11.48
C TYR D 67 -15.19 -46.44 11.69
N CYS D 68 -15.03 -45.12 11.52
CA CYS D 68 -16.13 -44.19 11.67
C CYS D 68 -15.90 -42.97 10.79
N ASN D 69 -16.81 -42.70 9.84
CA ASN D 69 -16.70 -41.54 8.98
C ASN D 69 -17.13 -40.31 9.80
N ILE D 70 -16.26 -39.30 9.92
CA ILE D 70 -16.60 -38.12 10.72
C ILE D 70 -16.78 -36.85 9.90
N SER D 71 -17.07 -37.02 8.61
CA SER D 71 -17.31 -35.88 7.69
C SER D 71 -18.26 -34.81 8.22
N ASP D 72 -19.32 -35.25 8.90
CA ASP D 72 -20.33 -34.34 9.43
C ASP D 72 -19.92 -33.59 10.70
N HIS D 73 -18.70 -33.80 11.19
CA HIS D 73 -18.23 -33.11 12.40
C HIS D 73 -16.96 -32.34 12.10
N VAL D 74 -16.77 -31.95 10.85
CA VAL D 74 -15.56 -31.25 10.49
C VAL D 74 -15.64 -29.74 10.66
N GLY D 75 -16.55 -29.09 9.94
CA GLY D 75 -16.60 -27.65 10.05
C GLY D 75 -15.55 -27.05 9.13
N ASP D 76 -14.76 -26.07 9.60
CA ASP D 76 -13.76 -25.44 8.75
C ASP D 76 -12.62 -26.41 8.66
N PRO D 77 -12.21 -26.82 7.43
CA PRO D 77 -11.09 -27.77 7.19
C PRO D 77 -9.71 -27.30 7.70
N SER D 78 -9.56 -26.00 7.95
CA SER D 78 -8.31 -25.49 8.48
C SER D 78 -8.25 -25.55 10.00
N ASN D 79 -9.39 -25.75 10.68
CA ASN D 79 -9.44 -25.82 12.15
C ASN D 79 -9.12 -27.24 12.65
N SER D 80 -8.38 -27.35 13.74
CA SER D 80 -8.03 -28.66 14.29
C SER D 80 -9.18 -29.38 15.02
N LEU D 81 -9.09 -30.72 15.07
CA LEU D 81 -10.06 -31.57 15.75
C LEU D 81 -9.34 -32.78 16.38
N TRP D 82 -9.94 -33.36 17.41
CA TRP D 82 -9.37 -34.52 18.08
C TRP D 82 -10.51 -35.56 18.15
N VAL D 83 -10.16 -36.85 18.25
CA VAL D 83 -11.12 -37.96 18.32
C VAL D 83 -10.69 -38.91 19.46
N ARG D 84 -11.63 -39.58 20.11
CA ARG D 84 -11.27 -40.56 21.15
C ARG D 84 -12.28 -41.67 20.98
N VAL D 85 -11.85 -42.92 21.25
CA VAL D 85 -12.68 -44.12 21.05
C VAL D 85 -12.59 -44.99 22.29
N LYS D 86 -13.73 -45.53 22.71
CA LYS D 86 -13.78 -46.46 23.86
C LYS D 86 -14.59 -47.68 23.45
N ALA D 87 -14.41 -48.78 24.18
CA ALA D 87 -15.11 -50.03 23.95
C ALA D 87 -16.01 -50.37 25.14
N ARG D 88 -17.04 -51.15 24.87
CA ARG D 88 -17.93 -51.61 25.91
C ARG D 88 -18.23 -53.09 25.73
N VAL D 89 -18.20 -53.82 26.84
CA VAL D 89 -18.59 -55.23 26.89
C VAL D 89 -19.50 -55.33 28.13
N GLY D 90 -20.80 -55.49 27.88
CA GLY D 90 -21.78 -55.58 28.96
C GLY D 90 -22.01 -54.23 29.58
N GLN D 91 -21.74 -54.15 30.87
CA GLN D 91 -21.85 -52.88 31.59
C GLN D 91 -20.48 -52.28 31.85
N LYS D 92 -19.41 -52.99 31.39
CA LYS D 92 -18.06 -52.51 31.61
C LYS D 92 -17.55 -51.75 30.39
N GLU D 93 -16.93 -50.58 30.64
CA GLU D 93 -16.35 -49.75 29.58
C GLU D 93 -14.83 -49.64 29.70
N SER D 94 -14.12 -49.54 28.57
CA SER D 94 -12.66 -49.41 28.61
C SER D 94 -12.35 -47.94 28.81
N ALA D 95 -11.08 -47.61 28.99
CA ALA D 95 -10.70 -46.20 29.08
C ALA D 95 -10.68 -45.72 27.60
N TYR D 96 -10.57 -44.42 27.36
CA TYR D 96 -10.54 -43.89 25.98
C TYR D 96 -9.18 -43.94 25.32
N ALA D 97 -9.15 -44.28 24.02
CA ALA D 97 -7.90 -44.24 23.24
C ALA D 97 -8.05 -42.91 22.47
N LYS D 98 -7.04 -42.04 22.60
CA LYS D 98 -7.06 -40.72 22.04
C LYS D 98 -6.19 -40.46 20.82
N SER D 99 -6.75 -39.86 19.79
CA SER D 99 -5.98 -39.53 18.59
C SER D 99 -5.06 -38.30 18.82
N GLU D 100 -4.23 -38.03 17.83
CA GLU D 100 -3.36 -36.84 17.83
C GLU D 100 -4.24 -35.75 17.19
N GLU D 101 -3.76 -34.51 17.22
CA GLU D 101 -4.47 -33.37 16.60
C GLU D 101 -4.56 -33.64 15.10
N PHE D 102 -5.70 -33.32 14.49
CA PHE D 102 -5.89 -33.52 13.07
C PHE D 102 -6.49 -32.29 12.39
N ALA D 103 -5.99 -31.90 11.22
CA ALA D 103 -6.60 -30.80 10.49
C ALA D 103 -6.69 -31.26 9.04
N VAL D 104 -7.90 -31.33 8.50
CA VAL D 104 -8.14 -31.78 7.14
C VAL D 104 -7.24 -31.12 6.08
N CYS D 105 -7.08 -29.81 6.16
CA CYS D 105 -6.25 -29.07 5.20
C CYS D 105 -4.74 -29.35 5.28
N ARG D 106 -4.26 -29.70 6.47
CA ARG D 106 -2.85 -29.97 6.68
C ARG D 106 -2.51 -31.43 6.49
N ASP D 107 -3.39 -32.30 7.00
CA ASP D 107 -3.18 -33.76 7.01
C ASP D 107 -3.86 -34.64 5.96
N GLY D 108 -4.87 -34.14 5.27
CA GLY D 108 -5.52 -34.94 4.24
C GLY D 108 -4.95 -34.72 2.84
N LYS D 109 -5.41 -35.49 1.87
CA LYS D 109 -4.99 -35.36 0.48
C LYS D 109 -6.15 -34.98 -0.41
N ILE D 110 -5.90 -34.19 -1.43
CA ILE D 110 -6.94 -33.73 -2.36
C ILE D 110 -6.61 -34.31 -3.74
N GLY D 111 -7.64 -34.69 -4.49
CA GLY D 111 -7.47 -35.21 -5.84
C GLY D 111 -6.99 -34.18 -6.87
N PRO D 112 -6.74 -34.60 -8.11
CA PRO D 112 -6.25 -33.69 -9.14
C PRO D 112 -7.23 -32.75 -9.84
N PRO D 113 -6.69 -31.65 -10.44
CA PRO D 113 -7.56 -30.72 -11.18
C PRO D 113 -7.78 -31.46 -12.55
N LYS D 114 -8.73 -31.04 -13.37
CA LYS D 114 -8.94 -31.62 -14.68
C LYS D 114 -8.55 -30.63 -15.78
N LEU D 115 -7.77 -31.01 -16.78
CA LEU D 115 -7.36 -30.04 -17.80
C LEU D 115 -7.90 -30.28 -19.23
N ASP D 116 -8.07 -29.21 -19.95
CA ASP D 116 -8.47 -29.17 -21.32
C ASP D 116 -7.53 -28.35 -22.16
N ILE D 117 -6.94 -28.88 -23.21
CA ILE D 117 -5.96 -28.14 -24.01
C ILE D 117 -6.50 -27.89 -25.44
N ARG D 118 -6.32 -26.66 -25.94
CA ARG D 118 -6.77 -26.34 -27.31
C ARG D 118 -5.84 -25.38 -28.06
N LYS D 119 -5.91 -25.48 -29.37
CA LYS D 119 -5.15 -24.58 -30.22
C LYS D 119 -5.94 -23.31 -30.53
N GLU D 120 -5.52 -22.20 -30.01
CA GLU D 120 -6.17 -20.98 -30.47
C GLU D 120 -5.59 -20.52 -31.81
N GLU D 121 -5.54 -19.35 -32.19
CA GLU D 121 -4.89 -19.13 -33.47
C GLU D 121 -3.36 -19.29 -33.41
N LYS D 122 -2.68 -18.55 -32.51
CA LYS D 122 -1.24 -18.62 -32.42
C LYS D 122 -0.82 -18.99 -31.00
N GLN D 123 -1.69 -19.55 -30.18
CA GLN D 123 -1.29 -19.92 -28.84
C GLN D 123 -1.92 -21.24 -28.49
N ILE D 124 -1.41 -21.88 -27.44
CA ILE D 124 -2.05 -23.09 -26.98
C ILE D 124 -2.76 -22.54 -25.74
N MET D 125 -4.04 -22.86 -25.63
CA MET D 125 -4.85 -22.40 -24.52
C MET D 125 -5.22 -23.54 -23.59
N ILE D 126 -4.80 -23.40 -22.33
CA ILE D 126 -5.03 -24.42 -21.30
C ILE D 126 -6.06 -24.01 -20.24
N ASP D 127 -7.12 -24.79 -20.05
CA ASP D 127 -8.12 -24.48 -19.00
C ASP D 127 -7.87 -25.48 -17.85
N ILE D 128 -7.67 -24.96 -16.65
CA ILE D 128 -7.44 -25.81 -15.47
C ILE D 128 -8.67 -25.78 -14.52
N PHE D 129 -9.55 -26.80 -14.58
CA PHE D 129 -10.72 -26.80 -13.70
C PHE D 129 -10.32 -27.34 -12.35
N HIS D 130 -10.78 -26.68 -11.30
CA HIS D 130 -10.47 -27.04 -9.92
C HIS D 130 -10.93 -28.41 -9.44
N PRO D 131 -10.17 -29.03 -8.51
CA PRO D 131 -10.55 -30.35 -7.97
C PRO D 131 -12.06 -30.30 -7.61
N SER D 132 -12.83 -31.36 -7.84
CA SER D 132 -14.26 -31.27 -7.55
C SER D 132 -14.62 -30.79 -6.15
N VAL D 133 -13.88 -31.15 -5.10
CA VAL D 133 -14.27 -30.66 -3.75
C VAL D 133 -14.44 -29.14 -3.67
N PHE D 134 -13.79 -28.40 -4.56
CA PHE D 134 -13.90 -26.94 -4.52
C PHE D 134 -15.02 -26.35 -5.34
N VAL D 135 -15.75 -27.23 -6.05
CA VAL D 135 -16.87 -26.79 -6.88
C VAL D 135 -18.18 -27.38 -6.38
N PRO D 146 -16.67 -21.21 0.56
CA PRO D 146 -16.21 -19.85 0.87
C PRO D 146 -16.00 -19.65 2.38
N GLU D 147 -15.08 -18.78 2.74
CA GLU D 147 -14.76 -18.39 4.11
C GLU D 147 -13.59 -19.20 4.66
N THR D 148 -13.12 -20.31 4.15
CA THR D 148 -12.00 -21.03 4.78
C THR D 148 -10.68 -20.64 4.13
N THR D 149 -9.58 -20.85 4.83
CA THR D 149 -8.30 -20.53 4.23
C THR D 149 -7.84 -21.73 3.42
N CYS D 150 -8.63 -22.80 3.44
CA CYS D 150 -8.28 -24.00 2.68
C CYS D 150 -8.75 -23.94 1.21
N TYR D 151 -7.94 -23.30 0.37
CA TYR D 151 -8.24 -23.14 -1.04
C TYR D 151 -6.92 -23.20 -1.80
N ILE D 152 -6.97 -23.38 -3.12
CA ILE D 152 -5.74 -23.45 -3.91
C ILE D 152 -5.10 -22.07 -4.13
N ARG D 153 -3.84 -21.92 -3.73
CA ARG D 153 -3.12 -20.66 -3.88
C ARG D 153 -2.42 -20.60 -5.23
N VAL D 154 -1.76 -21.68 -5.61
CA VAL D 154 -1.07 -21.68 -6.89
C VAL D 154 -1.16 -22.98 -7.67
N TYR D 155 -1.15 -22.89 -9.01
CA TYR D 155 -1.10 -24.10 -9.84
C TYR D 155 0.29 -24.20 -10.48
N ASN D 156 0.99 -25.33 -10.28
CA ASN D 156 2.29 -25.59 -10.92
C ASN D 156 1.90 -26.31 -12.22
N VAL D 157 2.10 -25.70 -13.39
CA VAL D 157 1.73 -26.33 -14.65
C VAL D 157 2.97 -26.86 -15.34
N TYR D 158 2.98 -28.16 -15.68
CA TYR D 158 4.09 -28.85 -16.34
C TYR D 158 3.79 -29.08 -17.81
N VAL D 159 4.60 -28.47 -18.67
CA VAL D 159 4.44 -28.54 -20.13
C VAL D 159 5.61 -29.26 -20.85
N ARG D 160 5.31 -30.18 -21.78
CA ARG D 160 6.37 -30.84 -22.55
C ARG D 160 6.09 -30.42 -23.97
N MET D 161 7.09 -29.85 -24.66
CA MET D 161 6.97 -29.45 -26.07
C MET D 161 8.05 -30.26 -26.79
N ASN D 162 7.57 -31.18 -27.63
CA ASN D 162 8.41 -32.18 -28.31
C ASN D 162 9.25 -32.83 -27.19
N GLY D 163 10.58 -32.81 -27.25
CA GLY D 163 11.36 -33.38 -26.16
C GLY D 163 11.89 -32.37 -25.10
N SER D 164 11.26 -31.19 -24.98
CA SER D 164 11.66 -30.12 -24.02
C SER D 164 10.62 -29.92 -22.93
N GLU D 165 11.06 -29.64 -21.69
CA GLU D 165 10.15 -29.50 -20.56
C GLU D 165 10.19 -28.09 -19.99
N ILE D 166 9.01 -27.58 -19.54
CA ILE D 166 8.97 -26.28 -18.88
C ILE D 166 7.81 -26.10 -17.91
N GLN D 167 8.12 -25.52 -16.76
CA GLN D 167 7.12 -25.30 -15.71
C GLN D 167 6.62 -23.85 -15.65
N TYR D 168 5.32 -23.64 -15.56
CA TYR D 168 4.75 -22.29 -15.42
C TYR D 168 4.03 -22.26 -14.07
N LYS D 169 3.86 -21.08 -13.46
CA LYS D 169 3.18 -20.95 -12.17
C LYS D 169 2.02 -20.03 -12.26
N ILE D 170 0.81 -20.53 -12.06
CA ILE D 170 -0.36 -19.66 -12.07
C ILE D 170 -0.78 -19.32 -10.65
N LEU D 171 -0.93 -18.02 -10.37
CA LEU D 171 -1.36 -17.54 -9.07
C LEU D 171 -2.86 -17.26 -9.12
N THR D 172 -3.64 -17.99 -8.32
CA THR D 172 -5.09 -17.84 -8.31
C THR D 172 -5.60 -16.52 -7.77
N GLN D 173 -4.84 -15.86 -6.89
CA GLN D 173 -5.31 -14.63 -6.27
C GLN D 173 -4.65 -13.41 -6.89
N LYS D 174 -3.34 -13.41 -7.13
CA LYS D 174 -2.62 -12.27 -7.65
C LYS D 174 -2.74 -12.18 -9.17
N GLU D 175 -3.86 -12.55 -9.71
CA GLU D 175 -4.17 -12.52 -11.14
C GLU D 175 -5.61 -12.91 -11.40
N ASP D 176 -6.29 -12.18 -12.29
CA ASP D 176 -7.66 -12.40 -12.65
C ASP D 176 -7.82 -13.55 -13.62
N ASP D 177 -6.77 -14.41 -13.75
CA ASP D 177 -6.68 -15.52 -14.64
C ASP D 177 -7.54 -16.69 -14.16
N CYS D 178 -7.92 -16.62 -12.89
CA CYS D 178 -8.73 -17.65 -12.25
C CYS D 178 -10.08 -17.14 -11.76
N ASP D 179 -11.12 -17.95 -11.91
CA ASP D 179 -12.44 -17.68 -11.42
C ASP D 179 -12.91 -18.75 -10.47
N GLU D 180 -14.21 -18.96 -10.35
CA GLU D 180 -14.83 -19.91 -9.44
C GLU D 180 -14.64 -21.33 -9.93
N ILE D 181 -14.78 -21.60 -11.23
CA ILE D 181 -14.78 -22.93 -11.80
C ILE D 181 -13.39 -23.28 -12.34
N GLN D 182 -12.63 -22.34 -12.88
CA GLN D 182 -11.35 -22.63 -13.50
C GLN D 182 -10.30 -21.55 -13.53
N CYS D 183 -9.16 -21.93 -14.08
CA CYS D 183 -8.00 -21.08 -14.25
C CYS D 183 -7.71 -21.18 -15.74
N GLN D 184 -6.96 -20.22 -16.28
CA GLN D 184 -6.63 -20.20 -17.72
C GLN D 184 -5.17 -19.86 -17.97
N LEU D 185 -4.59 -20.48 -18.99
CA LEU D 185 -3.21 -20.24 -19.33
C LEU D 185 -3.03 -20.27 -20.85
N ALA D 186 -2.29 -19.30 -21.38
CA ALA D 186 -2.03 -19.24 -22.80
C ALA D 186 -0.53 -19.42 -22.99
N ILE D 187 -0.17 -20.34 -23.89
CA ILE D 187 1.22 -20.68 -24.19
C ILE D 187 1.58 -20.37 -25.65
N PRO D 188 2.82 -19.89 -25.88
CA PRO D 188 3.33 -19.55 -27.22
C PRO D 188 3.90 -20.78 -27.94
N VAL D 189 3.39 -20.98 -29.15
CA VAL D 189 3.73 -22.07 -30.08
C VAL D 189 5.03 -21.81 -30.87
N SER D 190 6.19 -22.24 -30.37
CA SER D 190 7.43 -21.95 -31.08
C SER D 190 8.40 -23.11 -31.42
N SER D 191 9.62 -22.75 -31.80
CA SER D 191 10.68 -23.72 -32.15
C SER D 191 10.35 -24.86 -33.14
N LEU D 192 9.21 -24.77 -33.84
CA LEU D 192 8.78 -25.80 -34.79
C LEU D 192 8.37 -27.07 -34.04
N ASN D 193 7.85 -26.89 -32.83
CA ASN D 193 7.38 -28.00 -32.02
C ASN D 193 5.97 -28.34 -32.52
N SER D 194 5.60 -29.61 -32.52
CA SER D 194 4.24 -30.01 -32.97
C SER D 194 3.42 -30.65 -31.87
N GLN D 195 4.07 -31.25 -30.86
CA GLN D 195 3.31 -31.88 -29.79
C GLN D 195 3.45 -31.11 -28.46
N TYR D 196 2.32 -30.79 -27.85
CA TYR D 196 2.34 -30.10 -26.57
C TYR D 196 1.61 -30.96 -25.52
N CYS D 197 2.27 -31.29 -24.42
CA CYS D 197 1.67 -32.11 -23.38
C CYS D 197 1.61 -31.35 -22.08
N VAL D 198 0.49 -31.44 -21.36
CA VAL D 198 0.35 -30.69 -20.13
C VAL D 198 -0.30 -31.40 -18.96
N SER D 199 0.22 -31.14 -17.76
CA SER D 199 -0.34 -31.66 -16.52
C SER D 199 -0.14 -30.59 -15.46
N ALA D 200 -0.80 -30.73 -14.32
CA ALA D 200 -0.71 -29.72 -13.25
C ALA D 200 -1.14 -30.20 -11.88
N GLU D 201 -0.70 -29.49 -10.85
CA GLU D 201 -1.10 -29.80 -9.47
C GLU D 201 -1.36 -28.47 -8.76
N GLY D 202 -2.28 -28.46 -7.80
CA GLY D 202 -2.54 -27.25 -7.05
C GLY D 202 -1.73 -27.23 -5.75
N VAL D 203 -1.47 -26.05 -5.21
CA VAL D 203 -0.77 -25.91 -3.93
C VAL D 203 -1.74 -25.10 -3.05
N LEU D 204 -2.13 -25.72 -1.91
CA LEU D 204 -3.06 -25.16 -0.95
C LEU D 204 -2.46 -24.07 -0.05
N HIS D 205 -3.30 -23.13 0.36
CA HIS D 205 -2.86 -22.05 1.26
C HIS D 205 -2.64 -22.59 2.70
N VAL D 206 -1.98 -21.77 3.52
CA VAL D 206 -1.63 -22.04 4.92
C VAL D 206 -0.49 -23.04 5.04
N TRP D 207 -0.74 -24.33 4.76
CA TRP D 207 0.33 -25.33 4.88
C TRP D 207 1.11 -25.67 3.61
N GLY D 208 0.65 -25.22 2.44
CA GLY D 208 1.38 -25.53 1.23
C GLY D 208 1.36 -27.01 0.82
N VAL D 209 0.27 -27.71 1.12
CA VAL D 209 0.16 -29.10 0.75
C VAL D 209 -0.20 -29.14 -0.76
N THR D 210 0.32 -30.08 -1.52
CA THR D 210 -0.04 -30.14 -2.95
C THR D 210 -1.17 -31.16 -3.20
N THR D 211 -2.00 -30.91 -4.22
CA THR D 211 -3.08 -31.82 -4.59
C THR D 211 -2.41 -32.91 -5.41
N GLU D 212 -3.17 -33.91 -5.84
CA GLU D 212 -2.59 -34.93 -6.70
C GLU D 212 -2.35 -34.25 -8.09
N LYS D 213 -1.38 -34.78 -8.84
CA LYS D 213 -1.01 -34.28 -10.17
C LYS D 213 -1.92 -34.88 -11.25
N SER D 214 -2.50 -34.09 -12.15
CA SER D 214 -3.39 -34.62 -13.20
C SER D 214 -2.65 -35.53 -14.18
N LYS D 215 -3.40 -36.38 -14.89
CA LYS D 215 -2.77 -37.15 -15.94
C LYS D 215 -2.55 -36.31 -17.19
N GLU D 216 -1.43 -36.38 -17.83
CA GLU D 216 -1.10 -35.55 -19.00
C GLU D 216 -2.15 -35.53 -20.12
N VAL D 217 -2.41 -34.36 -20.71
CA VAL D 217 -3.31 -34.26 -21.87
C VAL D 217 -2.42 -33.68 -22.99
N CYS D 218 -2.56 -34.16 -24.23
CA CYS D 218 -1.72 -33.64 -25.31
C CYS D 218 -2.49 -33.21 -26.54
N ILE D 219 -1.83 -32.37 -27.33
CA ILE D 219 -2.38 -31.84 -28.56
C ILE D 219 -1.21 -31.85 -29.57
N THR D 220 -1.49 -32.19 -30.82
CA THR D 220 -0.48 -32.19 -31.88
C THR D 220 -0.96 -31.14 -32.90
N ILE D 221 -0.09 -30.22 -33.29
CA ILE D 221 -0.49 -29.19 -34.22
C ILE D 221 -0.19 -29.45 -35.71
N PHE D 222 1.08 -29.34 -36.12
CA PHE D 222 1.47 -29.55 -37.51
C PHE D 222 1.09 -28.35 -38.38
#